data_7MXN
#
_entry.id   7MXN
#
_cell.length_a   100.769
_cell.length_b   137.811
_cell.length_c   178.947
_cell.angle_alpha   90
_cell.angle_beta   90
_cell.angle_gamma   90
#
_symmetry.space_group_name_H-M   'I 2 2 2'
#
loop_
_entity.id
_entity.type
_entity.pdbx_description
1 polymer 'Protein arginine N-methyltransferase 5'
2 polymer 'Methylosome protein 50'
3 non-polymer (1S,2S,3S,5R)-3-{[6-(difluoromethyl)-5-fluoro-1,2,3,4-tetrahydroisoquinolin-8-yl]oxy}-5-(4-methyl-7H-pyrrolo[2,3-d]pyrimidin-7-yl)cyclopentane-1,2-diol
4 water water
#
loop_
_entity_poly.entity_id
_entity_poly.type
_entity_poly.pdbx_seq_one_letter_code
_entity_poly.pdbx_strand_id
1 'polypeptide(L)'
;MAAMAVGGAGGSRVSSGRDLNCVPEIADTLGAVAKQGFDFLCMPVFHPRFKREFIQEPAKNRPGPQTRSDLLLSGRDWNT
LIVGKLSPWIRPDSKVEKIRRNSEAAMLQELNFGAYLGLPAFLLPLNQEDNTNLARVLTNHIHTGHHSSMFWMRVPLVAP
EDLRDDIIENAPTTHTEEYSGEEKTWMWWHNFRTLCDYSKRIAVALEIGADLPSNHVIDRWLGEPIKAAILPTSIFLTNK
KGFPVLSKMHQRLIFRLLKLEVQFIITGTNHHSEKEFCSYLQYLEYLSQNRPPPNAYELFAKGYEDYLQSPLQPLMDNLE
SQTYEVFEKDPIKYSQYQQAIYKCLLDRVPEEEKDTNVQVLMVLGAGRGPLVNASLRAAKQADRRIKLYAVEKNPNAVVT
LENWQFEEWGSQVTVVSSDTREWVAPEKADIIVSELLGSFADNELSPECLDGAQHFLKDDGVSIPGEYTSFLAPISSSKL
YNEVRACREKDRDPEAQFEMPYVVRLHNFHQLSAPQPCFTFSHPNRDPMIDNNRYCTLEFPVEVNTVLHGFAGYFETVLY
QDITLSIRPETHSPGMFSWFPILFPIKQPITVREGQTICVRFWRCSNSKKVWYEWAVTAPVCSAIHNPTGRSYTIGL
;
A
2 'polypeptide(L)'
;MASHHHHHHDYDGATTENLYFQGSLRKETPPPLVPPAAREWNLPPNAPACMERQLEAARYRSDGALLLGASSLSGRCWAG
SLWLFKDPCAAPNEGFCSAGVQTEAGVADLTWVGERGILVASDSGAVELWELDENETLIVSKFCKYEHDDIVSTVSVLSS
GTQAVSGSKDICIKVWDLAQQVVLSSYRAHAAQVTCVAASPHKDSVFLSCSEDNRILLWDTRCPKPASQIGCSAPGYLPT
SLAWHPQQSEVFVFGDENGTVSLVDTKSTSCVLSSAVHSQCVTGLVFSPHSVPFLASLSEDCSLAVLDSSLSELFRSQAH
RDFVRDATWSPLNHSLLTTVGWDHQVVHHVVPTEPLPAPGPASVTE
;
B
#
loop_
_chem_comp.id
_chem_comp.type
_chem_comp.name
_chem_comp.formula
ZR1 non-polymer (1S,2S,3S,5R)-3-{[6-(difluoromethyl)-5-fluoro-1,2,3,4-tetrahydroisoquinolin-8-yl]oxy}-5-(4-methyl-7H-pyrrolo[2,3-d]pyrimidin-7-yl)cyclopentane-1,2-diol 'C22 H23 F3 N4 O3'
#
# COMPACT_ATOMS: atom_id res chain seq x y z
N ARG A 13 -20.29 0.08 -5.89
CA ARG A 13 -19.96 0.99 -4.79
C ARG A 13 -18.53 0.82 -4.26
N VAL A 14 -17.88 -0.33 -4.54
CA VAL A 14 -16.49 -0.51 -4.15
C VAL A 14 -15.69 -0.89 -5.38
N SER A 15 -14.61 -0.15 -5.64
CA SER A 15 -13.77 -0.45 -6.79
C SER A 15 -12.90 -1.58 -6.33
N SER A 16 -13.10 -2.74 -6.93
CA SER A 16 -12.40 -3.94 -6.53
C SER A 16 -11.81 -4.67 -7.71
N GLY A 17 -10.70 -5.34 -7.46
CA GLY A 17 -10.00 -6.09 -8.50
C GLY A 17 -9.66 -7.50 -8.06
N ARG A 18 -9.23 -8.32 -9.02
CA ARG A 18 -8.85 -9.71 -8.73
C ARG A 18 -7.38 -9.88 -8.98
N ASP A 19 -6.65 -10.44 -8.02
CA ASP A 19 -5.23 -10.71 -8.20
C ASP A 19 -5.01 -12.14 -8.66
N LEU A 20 -4.35 -12.32 -9.80
CA LEU A 20 -4.07 -13.65 -10.30
C LEU A 20 -2.59 -13.88 -10.59
N ASN A 21 -2.18 -15.13 -10.47
CA ASN A 21 -0.82 -15.54 -10.81
C ASN A 21 -0.82 -16.58 -11.95
N CYS A 22 -2.01 -17.01 -12.39
CA CYS A 22 -2.22 -17.99 -13.42
C CYS A 22 -3.31 -17.45 -14.34
N VAL A 23 -2.92 -17.15 -15.60
CA VAL A 23 -3.82 -16.65 -16.65
C VAL A 23 -3.45 -17.44 -17.91
N PRO A 24 -4.10 -18.59 -18.15
CA PRO A 24 -3.73 -19.40 -19.32
C PRO A 24 -4.23 -18.77 -20.63
N GLU A 25 -5.44 -18.21 -20.60
CA GLU A 25 -5.98 -17.52 -21.76
C GLU A 25 -6.56 -16.22 -21.27
N ILE A 26 -5.90 -15.13 -21.65
CA ILE A 26 -6.18 -13.74 -21.29
C ILE A 26 -7.68 -13.31 -21.38
N ALA A 27 -8.36 -13.42 -22.54
CA ALA A 27 -9.76 -12.98 -22.64
C ALA A 27 -10.75 -13.85 -21.90
N ASP A 28 -10.44 -15.16 -21.80
CA ASP A 28 -11.27 -16.13 -21.08
C ASP A 28 -11.27 -15.74 -19.61
N THR A 29 -10.05 -15.55 -19.06
CA THR A 29 -9.79 -15.17 -17.69
C THR A 29 -10.42 -13.83 -17.33
N LEU A 30 -10.29 -12.83 -18.22
CA LEU A 30 -10.88 -11.52 -17.98
C LEU A 30 -12.39 -11.57 -17.93
N GLY A 31 -12.99 -12.37 -18.81
CA GLY A 31 -14.44 -12.54 -18.88
C GLY A 31 -15.01 -13.17 -17.63
N ALA A 32 -14.29 -14.15 -17.08
CA ALA A 32 -14.71 -14.81 -15.84
C ALA A 32 -14.61 -13.80 -14.68
N VAL A 33 -13.54 -12.99 -14.65
CA VAL A 33 -13.30 -11.97 -13.63
C VAL A 33 -14.40 -10.89 -13.66
N ALA A 34 -14.78 -10.46 -14.85
CA ALA A 34 -15.81 -9.45 -15.04
C ALA A 34 -17.17 -9.98 -14.61
N LYS A 35 -17.46 -11.28 -14.90
CA LYS A 35 -18.70 -11.94 -14.49
C LYS A 35 -18.79 -11.98 -12.97
N GLN A 36 -17.64 -12.24 -12.30
CA GLN A 36 -17.52 -12.26 -10.84
C GLN A 36 -17.87 -10.86 -10.26
N GLY A 37 -17.45 -9.80 -10.96
CA GLY A 37 -17.76 -8.42 -10.59
C GLY A 37 -16.56 -7.50 -10.44
N PHE A 38 -15.37 -8.01 -10.75
CA PHE A 38 -14.14 -7.24 -10.61
C PHE A 38 -13.93 -6.21 -11.71
N ASP A 39 -13.76 -4.96 -11.30
CA ASP A 39 -13.51 -3.80 -12.16
C ASP A 39 -12.12 -3.83 -12.84
N PHE A 40 -11.21 -4.74 -12.40
CA PHE A 40 -9.87 -4.89 -12.97
C PHE A 40 -9.18 -6.21 -12.56
N LEU A 41 -8.16 -6.60 -13.30
CA LEU A 41 -7.42 -7.81 -13.05
C LEU A 41 -5.95 -7.46 -12.89
N CYS A 42 -5.31 -7.95 -11.83
CA CYS A 42 -3.88 -7.80 -11.66
C CYS A 42 -3.32 -9.13 -12.12
N MET A 43 -2.47 -9.12 -13.13
CA MET A 43 -1.94 -10.34 -13.71
C MET A 43 -0.52 -10.14 -14.22
N PRO A 44 0.24 -11.21 -14.47
CA PRO A 44 1.63 -11.03 -14.92
C PRO A 44 1.71 -10.74 -16.41
N VAL A 45 2.52 -9.76 -16.76
CA VAL A 45 2.69 -9.36 -18.16
C VAL A 45 3.60 -10.34 -18.94
N PHE A 46 4.36 -11.18 -18.22
CA PHE A 46 5.21 -12.27 -18.72
C PHE A 46 4.91 -13.49 -17.84
N HIS A 47 5.12 -14.72 -18.34
CA HIS A 47 4.84 -15.90 -17.50
C HIS A 47 5.70 -15.92 -16.22
N PRO A 48 5.02 -15.97 -15.05
CA PRO A 48 5.75 -15.94 -13.77
C PRO A 48 7.00 -16.81 -13.64
N ARG A 49 6.96 -18.03 -14.20
CA ARG A 49 8.08 -18.96 -14.13
C ARG A 49 9.05 -18.89 -15.31
N PHE A 50 8.69 -18.18 -16.40
CA PHE A 50 9.54 -18.07 -17.60
C PHE A 50 10.76 -17.19 -17.33
N LYS A 51 11.77 -17.72 -16.66
CA LYS A 51 12.96 -16.98 -16.32
C LYS A 51 13.73 -16.71 -17.59
N ARG A 52 14.25 -15.49 -17.73
CA ARG A 52 15.03 -15.14 -18.93
C ARG A 52 16.49 -14.87 -18.61
N GLU A 53 17.36 -15.01 -19.61
CA GLU A 53 18.78 -14.75 -19.46
C GLU A 53 19.15 -13.68 -20.49
N PHE A 54 19.92 -12.69 -20.04
CA PHE A 54 20.31 -11.58 -20.88
C PHE A 54 21.82 -11.53 -21.13
N ILE A 55 22.64 -12.23 -20.32
CA ILE A 55 24.09 -12.12 -20.44
C ILE A 55 24.79 -13.33 -21.09
N GLN A 56 24.49 -14.60 -20.67
CA GLN A 56 25.27 -15.70 -21.25
C GLN A 56 24.50 -16.69 -22.13
N GLU A 57 25.25 -17.13 -23.16
CA GLU A 57 24.86 -18.08 -24.19
C GLU A 57 24.89 -19.49 -23.60
N PRO A 58 23.96 -20.36 -24.00
CA PRO A 58 22.98 -20.19 -25.08
C PRO A 58 21.60 -19.74 -24.65
N ALA A 59 21.33 -19.59 -23.35
CA ALA A 59 19.99 -19.18 -22.90
C ALA A 59 19.65 -17.69 -23.23
N LYS A 60 20.70 -16.87 -23.46
CA LYS A 60 20.58 -15.46 -23.84
C LYS A 60 19.84 -15.36 -25.19
N ASN A 61 20.20 -16.25 -26.13
CA ASN A 61 19.59 -16.29 -27.46
C ASN A 61 18.31 -17.15 -27.54
N ARG A 62 17.52 -17.22 -26.47
CA ARG A 62 16.30 -18.02 -26.48
C ARG A 62 15.33 -17.55 -27.55
N PRO A 63 15.07 -18.41 -28.55
CA PRO A 63 14.19 -17.99 -29.65
C PRO A 63 12.70 -17.96 -29.29
N GLY A 64 11.89 -17.59 -30.27
CA GLY A 64 10.45 -17.48 -30.14
C GLY A 64 10.02 -16.23 -29.46
N PRO A 65 8.71 -15.95 -29.40
CA PRO A 65 8.24 -14.75 -28.68
C PRO A 65 8.61 -14.77 -27.18
N GLN A 66 8.65 -13.59 -26.53
CA GLN A 66 9.01 -13.54 -25.10
C GLN A 66 7.80 -13.51 -24.19
N THR A 67 6.65 -13.05 -24.67
CA THR A 67 5.38 -13.03 -23.94
C THR A 67 4.18 -13.04 -24.92
N ARG A 68 2.94 -13.06 -24.41
CA ARG A 68 1.78 -13.04 -25.26
C ARG A 68 1.63 -11.66 -25.93
N SER A 69 0.89 -11.58 -27.04
CA SER A 69 0.73 -10.36 -27.81
C SER A 69 -0.23 -9.30 -27.25
N ASP A 70 0.08 -8.02 -27.53
CA ASP A 70 -0.76 -6.87 -27.18
C ASP A 70 -2.10 -6.86 -27.95
N LEU A 71 -2.13 -7.56 -29.10
CA LEU A 71 -3.28 -7.71 -29.97
C LEU A 71 -4.45 -8.43 -29.31
N LEU A 72 -4.15 -9.29 -28.32
CA LEU A 72 -5.15 -10.06 -27.57
C LEU A 72 -6.14 -9.21 -26.80
N LEU A 73 -5.93 -7.88 -26.73
CA LEU A 73 -6.86 -6.99 -26.02
C LEU A 73 -6.92 -5.63 -26.70
N SER A 74 -8.07 -4.94 -26.54
CA SER A 74 -8.22 -3.60 -27.06
C SER A 74 -7.38 -2.68 -26.20
N GLY A 75 -6.88 -1.60 -26.79
CA GLY A 75 -6.13 -0.58 -26.06
C GLY A 75 -6.87 -0.06 -24.84
N ARG A 76 -8.21 0.08 -24.95
CA ARG A 76 -9.03 0.48 -23.82
C ARG A 76 -8.96 -0.51 -22.65
N ASP A 77 -9.02 -1.81 -22.91
CA ASP A 77 -8.92 -2.85 -21.87
C ASP A 77 -7.55 -2.77 -21.17
N TRP A 78 -6.46 -2.65 -21.94
CA TRP A 78 -5.13 -2.52 -21.38
C TRP A 78 -4.97 -1.25 -20.52
N ASN A 79 -5.76 -0.20 -20.79
CA ASN A 79 -5.69 1.08 -20.10
C ASN A 79 -6.54 1.18 -18.85
N THR A 80 -7.57 0.34 -18.72
CA THR A 80 -8.48 0.46 -17.59
C THR A 80 -8.70 -0.82 -16.80
N LEU A 81 -8.29 -1.98 -17.34
CA LEU A 81 -8.60 -3.24 -16.71
C LEU A 81 -7.41 -4.06 -16.26
N ILE A 82 -6.27 -3.97 -16.93
CA ILE A 82 -5.12 -4.78 -16.56
C ILE A 82 -4.18 -3.99 -15.64
N VAL A 83 -3.72 -4.64 -14.57
CA VAL A 83 -2.74 -4.09 -13.65
C VAL A 83 -1.59 -5.09 -13.77
N GLY A 84 -0.41 -4.63 -14.15
CA GLY A 84 0.74 -5.52 -14.31
C GLY A 84 1.27 -6.04 -12.99
N LYS A 85 2.10 -7.07 -13.03
CA LYS A 85 2.72 -7.60 -11.82
C LYS A 85 4.17 -7.96 -12.16
N LEU A 86 5.15 -7.48 -11.38
CA LEU A 86 6.55 -7.82 -11.64
C LEU A 86 6.76 -9.34 -11.41
N SER A 87 7.58 -10.00 -12.23
CA SER A 87 7.79 -11.45 -12.06
C SER A 87 8.53 -11.76 -10.76
N PRO A 88 8.04 -12.77 -10.01
CA PRO A 88 8.59 -13.06 -8.68
C PRO A 88 10.03 -13.52 -8.62
N TRP A 89 10.59 -13.95 -9.75
CA TRP A 89 12.00 -14.35 -9.77
C TRP A 89 12.92 -13.11 -9.89
N ILE A 90 12.39 -11.96 -10.32
CA ILE A 90 13.17 -10.73 -10.49
C ILE A 90 13.57 -10.22 -9.11
N ARG A 91 14.85 -10.30 -8.82
CA ARG A 91 15.43 -9.93 -7.56
C ARG A 91 16.65 -9.03 -7.76
N PRO A 92 16.41 -7.71 -7.88
CA PRO A 92 17.53 -6.78 -8.12
C PRO A 92 18.46 -6.57 -6.93
N ASP A 93 18.07 -7.00 -5.72
CA ASP A 93 18.92 -6.89 -4.56
C ASP A 93 19.47 -8.23 -4.08
N SER A 94 19.50 -9.25 -4.95
CA SER A 94 20.09 -10.55 -4.64
C SER A 94 21.57 -10.38 -4.33
N LYS A 95 22.09 -11.18 -3.41
CA LYS A 95 23.51 -11.15 -3.10
C LYS A 95 24.37 -11.78 -4.23
N VAL A 96 23.71 -12.41 -5.26
CA VAL A 96 24.39 -13.02 -6.40
C VAL A 96 24.49 -11.97 -7.48
N GLU A 97 25.70 -11.53 -7.85
CA GLU A 97 25.91 -10.55 -8.92
C GLU A 97 25.13 -10.83 -10.21
N LYS A 98 25.17 -12.07 -10.69
CA LYS A 98 24.48 -12.44 -11.93
C LYS A 98 22.96 -12.30 -11.81
N ILE A 99 22.40 -12.60 -10.64
CA ILE A 99 20.96 -12.46 -10.46
C ILE A 99 20.53 -10.99 -10.43
N ARG A 100 21.41 -10.10 -9.87
CA ARG A 100 21.10 -8.67 -9.85
C ARG A 100 21.13 -8.15 -11.28
N ARG A 101 22.20 -8.41 -12.04
CA ARG A 101 22.34 -7.97 -13.42
C ARG A 101 21.21 -8.44 -14.33
N ASN A 102 20.82 -9.68 -14.14
CA ASN A 102 19.78 -10.28 -14.93
C ASN A 102 18.42 -9.73 -14.57
N SER A 103 18.16 -9.54 -13.27
CA SER A 103 16.90 -9.00 -12.79
C SER A 103 16.78 -7.51 -13.08
N GLU A 104 17.92 -6.78 -13.31
CA GLU A 104 17.88 -5.36 -13.69
C GLU A 104 17.27 -5.33 -15.10
N ALA A 105 17.92 -6.00 -16.08
CA ALA A 105 17.41 -6.09 -17.46
C ALA A 105 15.97 -6.61 -17.51
N ALA A 106 15.65 -7.68 -16.78
CA ALA A 106 14.28 -8.20 -16.78
C ALA A 106 13.27 -7.24 -16.21
N MET A 107 13.64 -6.47 -15.17
CA MET A 107 12.75 -5.49 -14.55
C MET A 107 12.42 -4.34 -15.49
N LEU A 108 13.44 -3.76 -16.16
CA LEU A 108 13.22 -2.70 -17.15
C LEU A 108 12.36 -3.24 -18.29
N GLN A 109 12.63 -4.47 -18.73
CA GLN A 109 11.89 -5.11 -19.80
C GLN A 109 10.42 -5.25 -19.46
N GLU A 110 10.10 -5.65 -18.24
CA GLU A 110 8.72 -5.80 -17.82
C GLU A 110 8.06 -4.46 -17.64
N LEU A 111 8.78 -3.49 -17.02
CA LEU A 111 8.24 -2.17 -16.79
C LEU A 111 7.97 -1.46 -18.11
N ASN A 112 8.88 -1.58 -19.07
CA ASN A 112 8.73 -0.98 -20.39
C ASN A 112 7.62 -1.64 -21.20
N PHE A 113 7.42 -2.95 -21.04
CA PHE A 113 6.32 -3.63 -21.72
C PHE A 113 4.95 -3.16 -21.17
N GLY A 114 4.89 -2.80 -19.90
CA GLY A 114 3.67 -2.27 -19.29
C GLY A 114 3.39 -0.85 -19.74
N ALA A 115 4.47 -0.10 -20.03
CA ALA A 115 4.35 1.27 -20.53
C ALA A 115 3.89 1.20 -22.00
N TYR A 116 4.44 0.28 -22.79
CA TYR A 116 4.06 0.01 -24.18
C TYR A 116 2.52 -0.19 -24.32
N LEU A 117 1.93 -0.88 -23.33
CA LEU A 117 0.51 -1.20 -23.26
C LEU A 117 -0.36 -0.13 -22.65
N GLY A 118 0.22 0.87 -21.99
CA GLY A 118 -0.55 1.90 -21.34
C GLY A 118 -1.26 1.39 -20.11
N LEU A 119 -0.65 0.44 -19.39
CA LEU A 119 -1.26 -0.11 -18.17
C LEU A 119 -1.46 0.99 -17.13
N PRO A 120 -2.63 1.03 -16.49
CA PRO A 120 -2.89 2.11 -15.51
C PRO A 120 -2.09 2.00 -14.21
N ALA A 121 -1.64 0.78 -13.86
CA ALA A 121 -0.84 0.50 -12.67
C ALA A 121 0.04 -0.74 -12.88
N PHE A 122 1.11 -0.86 -12.09
CA PHE A 122 2.04 -1.99 -12.18
C PHE A 122 2.46 -2.33 -10.72
N LEU A 123 2.44 -3.63 -10.37
CA LEU A 123 2.78 -4.04 -9.00
C LEU A 123 4.22 -4.47 -8.81
N LEU A 124 4.80 -4.00 -7.71
CA LEU A 124 6.14 -4.35 -7.32
C LEU A 124 6.13 -4.66 -5.84
N PRO A 125 6.82 -5.73 -5.44
CA PRO A 125 6.80 -6.12 -4.02
C PRO A 125 7.90 -5.55 -3.15
N LEU A 126 7.55 -5.37 -1.89
CA LEU A 126 8.52 -5.00 -0.87
C LEU A 126 8.44 -6.16 0.15
N ASN A 127 9.33 -7.14 0.00
CA ASN A 127 9.33 -8.29 0.90
C ASN A 127 10.65 -8.46 1.70
N GLN A 128 11.60 -7.57 1.52
CA GLN A 128 12.82 -7.58 2.31
C GLN A 128 13.20 -6.15 2.73
N GLU A 129 14.13 -6.03 3.66
CA GLU A 129 14.55 -4.76 4.19
C GLU A 129 15.28 -3.95 3.13
N ASP A 130 16.19 -4.58 2.39
CA ASP A 130 16.96 -3.85 1.38
C ASP A 130 16.38 -3.93 -0.04
N ASN A 131 15.84 -2.83 -0.53
CA ASN A 131 15.34 -2.73 -1.89
C ASN A 131 15.96 -1.53 -2.59
N THR A 132 17.25 -1.31 -2.38
CA THR A 132 18.01 -0.18 -2.91
C THR A 132 18.17 -0.24 -4.44
N ASN A 133 18.61 -1.37 -4.97
CA ASN A 133 18.75 -1.54 -6.40
C ASN A 133 17.38 -1.64 -7.08
N LEU A 134 16.34 -2.13 -6.37
CA LEU A 134 14.98 -2.18 -6.91
C LEU A 134 14.51 -0.72 -7.15
N ALA A 135 14.77 0.17 -6.17
CA ALA A 135 14.44 1.59 -6.21
C ALA A 135 15.21 2.30 -7.30
N ARG A 136 16.52 2.00 -7.46
CA ARG A 136 17.32 2.63 -8.48
C ARG A 136 16.82 2.29 -9.86
N VAL A 137 16.52 1.01 -10.10
CA VAL A 137 15.98 0.60 -11.41
C VAL A 137 14.54 1.18 -11.63
N LEU A 138 13.67 1.30 -10.59
CA LEU A 138 12.35 1.91 -10.81
C LEU A 138 12.51 3.41 -11.12
N THR A 139 13.33 4.13 -10.33
CA THR A 139 13.65 5.53 -10.53
C THR A 139 14.22 5.78 -11.93
N ASN A 140 15.04 4.86 -12.44
CA ASN A 140 15.61 5.03 -13.77
C ASN A 140 14.55 4.83 -14.86
N HIS A 141 13.60 3.92 -14.64
CA HIS A 141 12.51 3.71 -15.58
C HIS A 141 11.61 4.95 -15.56
N ILE A 142 11.34 5.52 -14.38
CA ILE A 142 10.52 6.73 -14.26
C ILE A 142 11.12 7.91 -15.02
N HIS A 143 12.43 7.96 -15.12
CA HIS A 143 13.11 9.03 -15.83
C HIS A 143 13.35 8.75 -17.30
N THR A 144 12.95 7.59 -17.80
CA THR A 144 13.15 7.22 -19.18
C THR A 144 11.85 7.18 -19.94
N GLY A 145 11.76 8.00 -20.99
CA GLY A 145 10.62 8.00 -21.88
C GLY A 145 9.38 8.68 -21.37
N HIS A 146 8.24 8.28 -21.93
CA HIS A 146 6.96 8.88 -21.59
C HIS A 146 5.96 7.77 -21.21
N HIS A 147 5.57 7.67 -19.90
CA HIS A 147 4.62 6.63 -19.51
C HIS A 147 3.41 7.10 -18.66
N SER A 148 3.65 7.69 -17.49
CA SER A 148 2.58 8.13 -16.55
C SER A 148 1.85 7.00 -15.73
N SER A 149 2.28 5.71 -15.84
CA SER A 149 1.64 4.64 -15.07
C SER A 149 1.87 4.80 -13.54
N MET A 150 1.00 4.21 -12.72
CA MET A 150 1.19 4.22 -11.29
C MET A 150 2.00 2.97 -10.89
N PHE A 151 2.83 3.07 -9.87
CA PHE A 151 3.58 1.93 -9.37
C PHE A 151 3.03 1.60 -8.00
N TRP A 152 2.62 0.35 -7.82
CA TRP A 152 2.02 -0.08 -6.58
C TRP A 152 2.93 -0.97 -5.79
N MET A 153 3.32 -0.51 -4.62
CA MET A 153 4.21 -1.27 -3.76
C MET A 153 3.39 -2.13 -2.86
N ARG A 154 3.43 -3.43 -3.13
CA ARG A 154 2.72 -4.46 -2.37
C ARG A 154 3.59 -4.72 -1.17
N VAL A 155 3.13 -4.22 -0.03
CA VAL A 155 3.85 -4.36 1.24
C VAL A 155 2.86 -4.83 2.30
N PRO A 156 3.22 -5.80 3.16
CA PRO A 156 2.26 -6.28 4.18
C PRO A 156 2.23 -5.48 5.47
N LEU A 157 1.10 -5.54 6.22
CA LEU A 157 1.01 -4.95 7.55
C LEU A 157 2.02 -5.62 8.48
N VAL A 158 2.23 -6.96 8.31
CA VAL A 158 3.15 -7.80 9.09
C VAL A 158 4.00 -8.65 8.15
N ALA A 159 5.32 -8.57 8.28
CA ALA A 159 6.27 -9.33 7.47
C ALA A 159 5.99 -10.83 7.61
N PRO A 160 6.14 -11.63 6.54
CA PRO A 160 5.89 -13.08 6.68
C PRO A 160 6.79 -13.74 7.74
N GLU A 161 8.01 -13.21 7.95
CA GLU A 161 8.91 -13.76 8.97
C GLU A 161 8.36 -13.60 10.39
N ASP A 162 7.49 -12.62 10.62
CA ASP A 162 6.94 -12.35 11.95
C ASP A 162 5.53 -12.90 12.15
N LEU A 163 4.94 -13.54 11.13
CA LEU A 163 3.62 -14.14 11.29
C LEU A 163 3.66 -15.69 11.10
N ARG A 164 4.88 -16.27 10.97
CA ARG A 164 5.05 -17.68 10.77
C ARG A 164 4.55 -18.50 11.95
N ASP A 165 4.19 -19.77 11.66
CA ASP A 165 3.77 -20.78 12.61
C ASP A 165 4.99 -21.10 13.46
N ASP A 166 4.79 -21.17 14.80
CA ASP A 166 5.84 -21.48 15.76
C ASP A 166 6.10 -22.97 15.76
N ILE A 167 6.70 -23.47 14.66
CA ILE A 167 6.95 -24.89 14.48
C ILE A 167 8.41 -25.20 14.15
N ILE A 168 9.34 -24.23 14.27
CA ILE A 168 10.77 -24.55 14.06
C ILE A 168 11.38 -24.78 15.43
N GLU A 169 11.66 -26.06 15.75
CA GLU A 169 12.23 -26.48 17.03
C GLU A 169 13.43 -25.64 17.48
N ASN A 170 14.41 -25.38 16.58
CA ASN A 170 15.61 -24.63 16.98
C ASN A 170 15.60 -23.17 16.57
N ALA A 171 14.43 -22.61 16.25
CA ALA A 171 14.31 -21.21 15.88
C ALA A 171 12.90 -20.78 16.24
N PRO A 172 12.68 -20.45 17.52
CA PRO A 172 11.32 -20.10 17.95
C PRO A 172 10.94 -18.65 17.68
N THR A 173 9.63 -18.42 17.53
CA THR A 173 9.11 -17.10 17.32
C THR A 173 9.17 -16.37 18.66
N THR A 174 9.64 -15.10 18.68
CA THR A 174 9.74 -14.36 19.94
C THR A 174 8.37 -14.05 20.53
N HIS A 175 8.26 -14.14 21.85
CA HIS A 175 6.99 -13.85 22.52
C HIS A 175 7.06 -12.54 23.35
N THR A 176 8.03 -11.67 23.04
CA THR A 176 8.19 -10.37 23.68
C THR A 176 7.79 -9.27 22.69
N GLU A 177 7.33 -8.13 23.22
CA GLU A 177 6.95 -7.00 22.39
C GLU A 177 8.21 -6.31 21.86
N GLU A 178 8.26 -6.09 20.53
CA GLU A 178 9.31 -5.35 19.87
C GLU A 178 8.56 -4.21 19.22
N TYR A 179 8.42 -3.07 19.92
CA TYR A 179 7.65 -1.91 19.46
C TYR A 179 8.01 -1.48 18.03
N SER A 180 9.27 -1.06 17.81
CA SER A 180 9.76 -0.65 16.50
C SER A 180 9.86 -1.84 15.54
N GLY A 181 10.25 -3.01 16.07
CA GLY A 181 10.35 -4.26 15.31
C GLY A 181 9.06 -4.62 14.61
N GLU A 182 7.91 -4.42 15.27
CA GLU A 182 6.59 -4.71 14.69
C GLU A 182 6.18 -3.70 13.59
N GLU A 183 6.87 -2.55 13.50
CA GLU A 183 6.58 -1.58 12.47
C GLU A 183 7.63 -1.65 11.34
N LYS A 184 8.44 -2.74 11.24
CA LYS A 184 9.47 -2.88 10.21
C LYS A 184 8.99 -2.75 8.76
N THR A 185 7.76 -3.19 8.42
CA THR A 185 7.32 -3.08 7.02
C THR A 185 7.06 -1.65 6.58
N TRP A 186 6.78 -0.77 7.54
CA TRP A 186 6.61 0.64 7.25
C TRP A 186 7.98 1.22 6.84
N MET A 187 9.05 0.87 7.55
N MET A 187 9.04 0.86 7.56
CA MET A 187 10.39 1.36 7.23
CA MET A 187 10.41 1.29 7.28
C MET A 187 10.87 0.86 5.86
C MET A 187 10.83 0.88 5.87
N TRP A 188 10.39 -0.30 5.42
CA TRP A 188 10.72 -0.85 4.12
C TRP A 188 10.15 0.06 3.01
N TRP A 189 8.93 0.56 3.22
CA TRP A 189 8.24 1.49 2.37
C TRP A 189 8.88 2.90 2.47
N HIS A 190 9.17 3.36 3.68
CA HIS A 190 9.71 4.69 3.92
C HIS A 190 11.06 4.86 3.24
N ASN A 191 11.94 3.89 3.40
CA ASN A 191 13.25 3.92 2.75
C ASN A 191 13.11 3.88 1.27
N PHE A 192 12.23 3.00 0.76
CA PHE A 192 11.97 2.89 -0.67
C PHE A 192 11.50 4.18 -1.28
N ARG A 193 10.47 4.82 -0.70
CA ARG A 193 10.00 6.08 -1.28
C ARG A 193 10.96 7.27 -1.02
N THR A 194 11.82 7.23 0.00
CA THR A 194 12.81 8.29 0.22
C THR A 194 13.84 8.16 -0.94
N LEU A 195 14.31 6.94 -1.19
CA LEU A 195 15.25 6.64 -2.28
C LEU A 195 14.71 7.12 -3.66
N CYS A 196 13.41 6.86 -3.95
CA CYS A 196 12.77 7.26 -5.20
C CYS A 196 12.33 8.73 -5.24
N ASP A 197 12.76 9.53 -4.25
CA ASP A 197 12.54 10.95 -4.10
C ASP A 197 11.08 11.35 -4.07
N TYR A 198 10.29 10.61 -3.27
CA TYR A 198 8.88 10.90 -3.03
C TYR A 198 8.10 11.10 -4.37
N SER A 199 8.24 10.16 -5.33
CA SER A 199 7.55 10.25 -6.59
C SER A 199 6.06 10.14 -6.36
N LYS A 200 5.28 11.02 -6.99
CA LYS A 200 3.81 10.98 -6.94
C LYS A 200 3.25 9.69 -7.65
N ARG A 201 4.09 9.03 -8.44
CA ARG A 201 3.73 7.84 -9.17
C ARG A 201 4.05 6.55 -8.39
N ILE A 202 4.48 6.66 -7.11
CA ILE A 202 4.79 5.52 -6.27
C ILE A 202 3.83 5.52 -5.07
N ALA A 203 2.96 4.50 -5.00
CA ALA A 203 1.94 4.38 -3.98
C ALA A 203 1.94 2.99 -3.30
N VAL A 204 1.21 2.84 -2.18
CA VAL A 204 1.12 1.59 -1.44
C VAL A 204 -0.12 0.77 -1.76
N ALA A 205 0.08 -0.54 -1.90
CA ALA A 205 -0.90 -1.60 -2.06
C ALA A 205 -0.66 -2.39 -0.75
N LEU A 206 -1.44 -2.09 0.28
CA LEU A 206 -1.22 -2.67 1.61
C LEU A 206 -1.82 -4.06 1.80
N GLU A 207 -1.00 -5.03 2.18
CA GLU A 207 -1.44 -6.39 2.37
C GLU A 207 -1.83 -6.73 3.80
N ILE A 208 -3.13 -6.96 4.02
CA ILE A 208 -3.69 -7.33 5.32
C ILE A 208 -3.59 -8.87 5.52
N GLY A 209 -3.14 -9.30 6.70
CA GLY A 209 -3.01 -10.72 7.00
C GLY A 209 -4.16 -11.24 7.86
N ALA A 210 -4.08 -12.55 8.22
CA ALA A 210 -5.11 -13.24 9.01
C ALA A 210 -5.27 -12.64 10.41
N ASP A 211 -4.13 -12.36 11.06
CA ASP A 211 -4.16 -11.75 12.38
C ASP A 211 -3.56 -10.36 12.28
N LEU A 212 -4.36 -9.33 12.61
CA LEU A 212 -3.97 -7.93 12.52
C LEU A 212 -2.92 -7.62 13.55
N PRO A 213 -1.97 -6.72 13.22
CA PRO A 213 -0.94 -6.35 14.20
C PRO A 213 -1.48 -5.37 15.26
N SER A 214 -0.59 -4.86 16.14
CA SER A 214 -0.99 -3.89 17.14
C SER A 214 -1.44 -2.61 16.45
N ASN A 215 -2.27 -1.83 17.12
CA ASN A 215 -2.79 -0.57 16.56
C ASN A 215 -1.71 0.37 16.09
N HIS A 216 -0.61 0.49 16.87
CA HIS A 216 0.47 1.40 16.50
C HIS A 216 1.11 1.03 15.16
N VAL A 217 1.16 -0.26 14.87
CA VAL A 217 1.70 -0.78 13.62
C VAL A 217 0.80 -0.35 12.46
N ILE A 218 -0.53 -0.42 12.66
CA ILE A 218 -1.52 -0.04 11.65
C ILE A 218 -1.47 1.46 11.45
N ASP A 219 -1.37 2.21 12.54
CA ASP A 219 -1.33 3.66 12.52
C ASP A 219 -0.07 4.24 11.83
N ARG A 220 0.99 3.44 11.70
CA ARG A 220 2.18 3.87 10.98
C ARG A 220 1.85 4.23 9.50
N TRP A 221 0.74 3.64 8.92
CA TRP A 221 0.26 3.84 7.54
C TRP A 221 -0.70 5.00 7.33
N LEU A 222 -0.92 5.77 8.38
CA LEU A 222 -1.75 6.96 8.33
C LEU A 222 -0.94 8.08 7.68
N GLY A 223 -1.58 8.83 6.79
CA GLY A 223 -0.91 9.87 6.02
C GLY A 223 -0.09 9.32 4.85
N GLU A 224 -0.22 8.02 4.57
CA GLU A 224 0.53 7.38 3.52
C GLU A 224 -0.30 7.22 2.26
N PRO A 225 0.34 7.31 1.08
CA PRO A 225 -0.40 7.17 -0.18
C PRO A 225 -0.90 5.74 -0.48
N ILE A 226 -2.00 5.34 0.14
CA ILE A 226 -2.54 4.00 -0.08
C ILE A 226 -3.54 4.03 -1.21
N LYS A 227 -3.20 3.35 -2.29
CA LYS A 227 -4.06 3.31 -3.47
C LYS A 227 -4.86 2.01 -3.57
N ALA A 228 -4.34 0.94 -2.97
CA ALA A 228 -4.99 -0.35 -2.94
C ALA A 228 -4.81 -1.02 -1.59
N ALA A 229 -5.75 -1.90 -1.24
CA ALA A 229 -5.72 -2.73 -0.04
C ALA A 229 -5.95 -4.17 -0.52
N ILE A 230 -4.97 -5.05 -0.29
CA ILE A 230 -5.00 -6.46 -0.69
C ILE A 230 -5.53 -7.39 0.42
N LEU A 231 -6.69 -8.02 0.20
CA LEU A 231 -7.33 -8.97 1.12
C LEU A 231 -7.17 -10.39 0.59
N PRO A 232 -6.31 -11.23 1.18
CA PRO A 232 -6.22 -12.63 0.72
C PRO A 232 -7.41 -13.44 1.24
N THR A 233 -7.89 -14.39 0.45
CA THR A 233 -9.06 -15.22 0.81
C THR A 233 -8.95 -15.90 2.19
N SER A 234 -7.74 -16.31 2.58
CA SER A 234 -7.46 -16.96 3.85
C SER A 234 -7.71 -16.10 5.11
N ILE A 235 -7.94 -14.79 4.95
CA ILE A 235 -8.25 -13.91 6.10
C ILE A 235 -9.77 -13.90 6.44
N PHE A 236 -10.58 -14.57 5.63
CA PHE A 236 -12.02 -14.60 5.79
C PHE A 236 -12.51 -15.77 6.60
N LEU A 237 -13.19 -15.48 7.70
CA LEU A 237 -13.85 -16.47 8.53
C LEU A 237 -15.09 -16.96 7.77
N THR A 238 -15.65 -18.11 8.16
CA THR A 238 -16.86 -18.64 7.52
C THR A 238 -18.03 -18.43 8.47
N ASN A 239 -19.22 -18.02 7.97
CA ASN A 239 -20.37 -17.82 8.85
C ASN A 239 -21.20 -19.13 8.99
N LYS A 240 -22.40 -19.06 9.60
CA LYS A 240 -23.25 -20.24 9.76
C LYS A 240 -23.74 -20.74 8.40
N LYS A 241 -24.15 -19.81 7.54
CA LYS A 241 -24.63 -20.13 6.21
C LYS A 241 -23.51 -20.62 5.25
N GLY A 242 -22.25 -20.39 5.58
CA GLY A 242 -21.12 -20.86 4.78
C GLY A 242 -20.37 -19.84 3.94
N PHE A 243 -20.81 -18.60 3.98
CA PHE A 243 -20.19 -17.53 3.21
C PHE A 243 -19.04 -16.83 3.97
N PRO A 244 -18.02 -16.30 3.24
CA PRO A 244 -16.91 -15.63 3.90
C PRO A 244 -17.28 -14.28 4.52
N VAL A 245 -16.84 -14.07 5.76
CA VAL A 245 -17.04 -12.86 6.56
C VAL A 245 -15.68 -12.44 7.20
N LEU A 246 -15.60 -11.28 7.86
CA LEU A 246 -14.37 -10.85 8.49
C LEU A 246 -14.57 -10.49 9.94
N SER A 247 -13.54 -10.65 10.78
CA SER A 247 -13.58 -10.29 12.20
C SER A 247 -14.01 -8.83 12.40
N LYS A 248 -14.53 -8.48 13.58
CA LYS A 248 -14.92 -7.11 13.88
C LYS A 248 -13.73 -6.11 13.91
N MET A 249 -12.50 -6.62 14.05
CA MET A 249 -11.29 -5.82 14.01
C MET A 249 -10.90 -5.57 12.53
N HIS A 250 -11.02 -6.61 11.69
CA HIS A 250 -10.78 -6.52 10.26
C HIS A 250 -11.80 -5.57 9.62
N GLN A 251 -13.05 -5.59 10.07
CA GLN A 251 -14.10 -4.73 9.54
C GLN A 251 -13.81 -3.28 9.84
N ARG A 252 -13.30 -2.98 11.06
CA ARG A 252 -12.95 -1.61 11.46
C ARG A 252 -11.85 -1.08 10.54
N LEU A 253 -10.87 -1.93 10.19
CA LEU A 253 -9.83 -1.53 9.28
C LEU A 253 -10.41 -1.28 7.89
N ILE A 254 -11.30 -2.15 7.40
CA ILE A 254 -11.94 -1.93 6.09
C ILE A 254 -12.71 -0.60 6.05
N PHE A 255 -13.39 -0.23 7.17
CA PHE A 255 -14.12 1.04 7.24
C PHE A 255 -13.18 2.24 7.11
N ARG A 256 -11.97 2.12 7.65
CA ARG A 256 -10.92 3.13 7.62
C ARG A 256 -10.43 3.28 6.17
N LEU A 257 -10.25 2.18 5.45
CA LEU A 257 -9.81 2.22 4.05
C LEU A 257 -10.90 2.71 3.10
N LEU A 258 -12.17 2.48 3.43
CA LEU A 258 -13.27 2.99 2.61
C LEU A 258 -13.30 4.52 2.63
N LYS A 259 -12.86 5.15 3.74
CA LYS A 259 -12.75 6.60 3.88
C LYS A 259 -11.68 7.15 2.94
N LEU A 260 -10.59 6.40 2.75
CA LEU A 260 -9.49 6.74 1.83
C LEU A 260 -9.79 6.41 0.36
N GLU A 261 -10.90 5.72 0.09
CA GLU A 261 -11.34 5.30 -1.23
C GLU A 261 -10.28 4.43 -1.99
N VAL A 262 -9.68 3.47 -1.30
CA VAL A 262 -8.69 2.56 -1.89
C VAL A 262 -9.37 1.51 -2.80
N GLN A 263 -8.58 0.84 -3.65
CA GLN A 263 -9.11 -0.20 -4.51
C GLN A 263 -8.87 -1.55 -3.84
N PHE A 264 -9.92 -2.24 -3.42
CA PHE A 264 -9.77 -3.54 -2.77
C PHE A 264 -9.38 -4.59 -3.75
N ILE A 265 -8.41 -5.42 -3.41
CA ILE A 265 -7.97 -6.50 -4.28
C ILE A 265 -8.18 -7.85 -3.58
N ILE A 266 -8.70 -8.86 -4.28
CA ILE A 266 -8.89 -10.18 -3.70
C ILE A 266 -7.85 -11.06 -4.30
N THR A 267 -7.01 -11.67 -3.46
CA THR A 267 -5.95 -12.54 -3.94
C THR A 267 -6.07 -13.96 -3.38
N GLY A 268 -5.40 -14.90 -4.03
CA GLY A 268 -5.38 -16.28 -3.59
C GLY A 268 -6.56 -17.09 -4.09
N THR A 269 -6.49 -18.40 -3.88
CA THR A 269 -7.47 -19.38 -4.32
C THR A 269 -8.81 -19.31 -3.53
N ASN A 270 -9.86 -19.90 -4.09
CA ASN A 270 -11.17 -19.89 -3.46
C ASN A 270 -11.33 -20.98 -2.39
N HIS A 271 -11.71 -20.58 -1.18
CA HIS A 271 -11.94 -21.50 -0.08
C HIS A 271 -13.38 -21.38 0.51
N HIS A 272 -14.33 -20.79 -0.25
CA HIS A 272 -15.70 -20.60 0.22
C HIS A 272 -16.70 -20.82 -0.93
N SER A 273 -17.88 -21.39 -0.64
CA SER A 273 -18.91 -21.67 -1.64
C SER A 273 -19.48 -20.42 -2.32
N CYS A 278 -19.09 -12.49 -6.63
CA CYS A 278 -18.18 -13.18 -5.71
C CYS A 278 -18.65 -12.99 -4.27
N SER A 279 -18.48 -14.03 -3.43
CA SER A 279 -18.90 -13.95 -2.03
C SER A 279 -18.01 -13.01 -1.22
N TYR A 280 -16.72 -12.94 -1.56
CA TYR A 280 -15.77 -12.02 -0.93
C TYR A 280 -16.15 -10.58 -1.29
N LEU A 281 -16.48 -10.35 -2.57
CA LEU A 281 -16.87 -9.05 -3.09
C LEU A 281 -18.22 -8.62 -2.49
N GLN A 282 -19.18 -9.56 -2.38
CA GLN A 282 -20.51 -9.30 -1.82
C GLN A 282 -20.39 -8.82 -0.39
N TYR A 283 -19.47 -9.42 0.37
CA TYR A 283 -19.24 -9.02 1.74
C TYR A 283 -18.71 -7.59 1.81
N LEU A 284 -17.77 -7.26 0.92
CA LEU A 284 -17.20 -5.91 0.85
C LEU A 284 -18.29 -4.88 0.53
N GLU A 285 -19.16 -5.21 -0.44
CA GLU A 285 -20.26 -4.35 -0.84
C GLU A 285 -21.25 -4.15 0.31
N TYR A 286 -21.53 -5.23 1.07
CA TYR A 286 -22.42 -5.20 2.22
C TYR A 286 -21.85 -4.29 3.30
N LEU A 287 -20.53 -4.40 3.56
CA LEU A 287 -19.86 -3.55 4.56
C LEU A 287 -19.92 -2.10 4.14
N SER A 288 -19.68 -1.85 2.84
CA SER A 288 -19.70 -0.53 2.23
C SER A 288 -21.06 0.14 2.35
N GLN A 289 -22.15 -0.63 2.19
CA GLN A 289 -23.52 -0.11 2.29
C GLN A 289 -23.89 0.26 3.73
N ASN A 290 -23.38 -0.48 4.71
CA ASN A 290 -23.76 -0.25 6.10
C ASN A 290 -22.91 0.74 6.86
N ARG A 291 -21.94 1.39 6.21
CA ARG A 291 -21.12 2.39 6.89
C ARG A 291 -21.97 3.58 7.32
N PRO A 292 -21.62 4.23 8.44
CA PRO A 292 -22.43 5.38 8.90
C PRO A 292 -22.59 6.46 7.81
N PRO A 293 -23.82 6.98 7.64
CA PRO A 293 -24.04 8.00 6.60
C PRO A 293 -23.19 9.25 6.81
N PRO A 294 -22.85 9.95 5.73
CA PRO A 294 -22.03 11.16 5.86
C PRO A 294 -22.84 12.33 6.43
N ASN A 295 -22.31 13.03 7.44
CA ASN A 295 -23.01 14.17 8.02
C ASN A 295 -22.94 15.43 7.12
N ALA A 296 -23.49 16.58 7.57
CA ALA A 296 -23.48 17.81 6.79
C ALA A 296 -22.06 18.23 6.39
N TYR A 297 -21.11 18.26 7.36
CA TYR A 297 -19.71 18.60 7.09
C TYR A 297 -19.10 17.59 6.11
N GLU A 298 -19.33 16.29 6.34
CA GLU A 298 -18.79 15.24 5.48
C GLU A 298 -19.31 15.30 4.05
N LEU A 299 -20.53 15.77 3.85
CA LEU A 299 -21.11 15.89 2.51
C LEU A 299 -20.66 17.20 1.82
N PHE A 300 -20.45 18.27 2.61
CA PHE A 300 -19.99 19.56 2.11
C PHE A 300 -18.55 19.49 1.63
N ALA A 301 -17.69 18.79 2.39
CA ALA A 301 -16.28 18.64 2.08
C ALA A 301 -15.97 17.58 1.03
N LYS A 302 -16.99 16.86 0.54
CA LYS A 302 -16.82 15.80 -0.46
C LYS A 302 -16.28 16.42 -1.76
N GLY A 303 -14.99 16.21 -2.00
CA GLY A 303 -14.28 16.78 -3.13
C GLY A 303 -13.11 17.66 -2.70
N TYR A 304 -13.21 18.27 -1.52
CA TYR A 304 -12.19 19.14 -0.96
C TYR A 304 -11.10 18.43 -0.15
N GLU A 305 -11.23 17.11 0.06
CA GLU A 305 -10.29 16.32 0.85
C GLU A 305 -8.87 16.42 0.34
N ASP A 306 -7.96 16.90 1.20
CA ASP A 306 -6.54 17.13 0.93
C ASP A 306 -6.25 18.00 -0.29
N TYR A 307 -7.16 18.92 -0.62
CA TYR A 307 -6.97 19.83 -1.73
C TYR A 307 -6.46 21.15 -1.14
N LEU A 308 -5.28 21.58 -1.57
CA LEU A 308 -4.68 22.79 -1.05
C LEU A 308 -5.23 24.04 -1.70
N GLN A 309 -5.73 24.98 -0.86
CA GLN A 309 -6.28 26.26 -1.30
C GLN A 309 -5.55 27.40 -0.60
N SER A 310 -5.48 28.60 -1.25
CA SER A 310 -4.87 29.75 -0.61
C SER A 310 -5.87 30.31 0.45
N PRO A 311 -5.36 30.70 1.61
CA PRO A 311 -6.24 31.34 2.60
C PRO A 311 -6.78 32.67 2.07
N LEU A 312 -8.10 32.97 2.25
CA LEU A 312 -8.68 34.22 1.78
C LEU A 312 -8.09 35.41 2.48
N GLN A 313 -7.95 36.52 1.76
CA GLN A 313 -7.51 37.78 2.36
C GLN A 313 -8.61 38.78 2.05
N PRO A 314 -9.73 38.77 2.81
CA PRO A 314 -10.83 39.70 2.52
C PRO A 314 -10.50 41.17 2.71
N LEU A 315 -9.47 41.49 3.50
CA LEU A 315 -9.08 42.87 3.70
C LEU A 315 -8.36 43.38 2.44
N MET A 316 -7.37 42.63 1.95
CA MET A 316 -6.55 43.03 0.80
C MET A 316 -7.31 42.86 -0.50
N ASP A 317 -8.13 41.83 -0.60
CA ASP A 317 -8.90 41.49 -1.79
C ASP A 317 -10.40 41.73 -1.60
N ASN A 318 -11.14 41.86 -2.70
CA ASN A 318 -12.60 41.97 -2.63
C ASN A 318 -13.21 40.58 -2.88
N LEU A 319 -14.07 40.10 -1.96
CA LEU A 319 -14.62 38.76 -2.11
C LEU A 319 -15.64 38.69 -3.22
N GLU A 320 -15.60 37.63 -4.00
CA GLU A 320 -16.55 37.41 -5.09
C GLU A 320 -17.94 37.17 -4.51
N SER A 321 -18.97 37.39 -5.33
CA SER A 321 -20.36 37.21 -4.93
C SER A 321 -20.62 35.80 -4.45
N GLN A 322 -20.16 34.77 -5.19
CA GLN A 322 -20.35 33.37 -4.80
C GLN A 322 -19.61 32.98 -3.52
N THR A 323 -18.51 33.69 -3.17
CA THR A 323 -17.80 33.45 -1.92
C THR A 323 -18.72 33.82 -0.75
N TYR A 324 -19.41 34.97 -0.87
CA TYR A 324 -20.35 35.46 0.14
C TYR A 324 -21.56 34.55 0.23
N GLU A 325 -22.03 34.02 -0.92
CA GLU A 325 -23.16 33.11 -1.00
C GLU A 325 -22.90 31.89 -0.13
N VAL A 326 -21.71 31.26 -0.31
CA VAL A 326 -21.26 30.11 0.47
C VAL A 326 -21.15 30.46 1.98
N PHE A 327 -20.57 31.61 2.33
CA PHE A 327 -20.46 32.05 3.71
C PHE A 327 -21.82 32.30 4.38
N GLU A 328 -22.85 32.60 3.58
CA GLU A 328 -24.20 32.89 4.08
C GLU A 328 -24.93 31.61 4.42
N LYS A 329 -24.73 30.54 3.62
CA LYS A 329 -25.37 29.24 3.81
C LYS A 329 -24.75 28.40 4.94
N ASP A 330 -24.61 29.02 6.11
CA ASP A 330 -24.08 28.40 7.31
C ASP A 330 -25.02 28.76 8.44
N PRO A 331 -26.16 28.06 8.54
CA PRO A 331 -27.17 28.43 9.55
C PRO A 331 -26.66 28.44 10.98
N ILE A 332 -25.87 27.41 11.36
CA ILE A 332 -25.28 27.21 12.69
C ILE A 332 -24.48 28.43 13.17
N LYS A 333 -23.60 28.95 12.32
CA LYS A 333 -22.77 30.09 12.69
C LYS A 333 -23.60 31.34 12.91
N TYR A 334 -24.62 31.58 12.06
CA TYR A 334 -25.46 32.76 12.25
C TYR A 334 -26.41 32.60 13.42
N SER A 335 -26.91 31.37 13.68
CA SER A 335 -27.75 31.11 14.85
C SER A 335 -26.97 31.39 16.15
N GLN A 336 -25.66 31.11 16.16
CA GLN A 336 -24.76 31.41 17.27
C GLN A 336 -24.52 32.91 17.39
N TYR A 337 -24.46 33.62 16.26
CA TYR A 337 -24.29 35.06 16.26
C TYR A 337 -25.56 35.76 16.76
N GLN A 338 -26.74 35.22 16.40
CA GLN A 338 -28.06 35.70 16.80
C GLN A 338 -28.14 35.69 18.31
N GLN A 339 -27.88 34.52 18.91
CA GLN A 339 -27.92 34.38 20.36
C GLN A 339 -26.89 35.25 21.09
N ALA A 340 -25.69 35.46 20.52
CA ALA A 340 -24.69 36.30 21.17
C ALA A 340 -25.17 37.74 21.29
N ILE A 341 -25.91 38.23 20.29
CA ILE A 341 -26.47 39.59 20.30
C ILE A 341 -27.72 39.62 21.21
N TYR A 342 -28.54 38.56 21.15
CA TYR A 342 -29.75 38.35 21.96
C TYR A 342 -29.41 38.44 23.46
N LYS A 343 -28.37 37.73 23.94
CA LYS A 343 -27.95 37.77 25.35
C LYS A 343 -27.34 39.13 25.73
N CYS A 344 -26.73 39.82 24.77
CA CYS A 344 -26.14 41.13 25.02
C CYS A 344 -27.20 42.22 25.14
N LEU A 345 -28.27 42.10 24.36
CA LEU A 345 -29.35 43.06 24.38
C LEU A 345 -30.08 42.98 25.70
N LEU A 346 -30.30 41.76 26.22
CA LEU A 346 -30.94 41.59 27.52
C LEU A 346 -30.01 42.12 28.60
N ASP A 347 -28.72 41.81 28.55
CA ASP A 347 -27.77 42.28 29.55
C ASP A 347 -27.59 43.78 29.56
N ARG A 348 -27.78 44.46 28.43
CA ARG A 348 -27.54 45.90 28.36
C ARG A 348 -28.78 46.75 28.62
N VAL A 349 -29.97 46.21 28.27
CA VAL A 349 -31.23 46.93 28.45
C VAL A 349 -32.21 46.17 29.34
N PRO A 350 -32.45 46.69 30.58
CA PRO A 350 -33.43 46.03 31.46
C PRO A 350 -34.85 46.19 30.96
N GLU A 351 -35.74 45.23 31.21
CA GLU A 351 -37.13 45.28 30.74
C GLU A 351 -37.87 46.62 31.05
N GLU A 352 -37.49 47.34 32.12
CA GLU A 352 -38.10 48.64 32.42
C GLU A 352 -37.74 49.70 31.36
N GLU A 353 -36.53 49.60 30.81
CA GLU A 353 -35.98 50.47 29.77
C GLU A 353 -36.24 49.99 28.33
N LYS A 354 -37.06 48.93 28.14
CA LYS A 354 -37.41 48.31 26.86
C LYS A 354 -37.62 49.27 25.68
N ASP A 355 -38.30 50.41 25.92
CA ASP A 355 -38.54 51.37 24.83
C ASP A 355 -37.98 52.76 25.09
N THR A 356 -37.15 52.92 26.12
CA THR A 356 -36.45 54.16 26.48
C THR A 356 -35.02 54.17 25.85
N ASN A 357 -34.42 52.96 25.67
CA ASN A 357 -33.06 52.77 25.15
C ASN A 357 -32.98 51.94 23.84
N VAL A 358 -32.41 52.60 22.80
CA VAL A 358 -32.13 52.06 21.47
C VAL A 358 -30.61 51.87 21.42
N GLN A 359 -30.16 50.63 21.23
CA GLN A 359 -28.73 50.33 21.20
C GLN A 359 -28.07 50.56 19.85
N VAL A 360 -26.93 51.27 19.83
CA VAL A 360 -26.18 51.53 18.60
C VAL A 360 -25.43 50.24 18.22
N LEU A 361 -25.96 49.51 17.24
CA LEU A 361 -25.37 48.28 16.78
C LEU A 361 -24.61 48.46 15.45
N MET A 362 -23.30 48.20 15.44
CA MET A 362 -22.47 48.38 14.25
C MET A 362 -21.81 47.11 13.74
N VAL A 363 -22.24 46.60 12.59
CA VAL A 363 -21.59 45.45 11.97
C VAL A 363 -20.35 45.97 11.23
N LEU A 364 -19.17 45.37 11.46
CA LEU A 364 -17.94 45.79 10.80
C LEU A 364 -17.43 44.71 9.87
N GLY A 365 -17.65 44.90 8.58
CA GLY A 365 -17.34 43.92 7.56
C GLY A 365 -18.62 43.16 7.31
N ALA A 366 -19.68 43.88 6.93
CA ALA A 366 -21.04 43.38 6.74
C ALA A 366 -21.28 42.44 5.56
N GLY A 367 -20.43 42.47 4.54
CA GLY A 367 -20.61 41.64 3.34
C GLY A 367 -21.89 41.98 2.61
N ARG A 368 -22.68 40.97 2.25
CA ARG A 368 -23.99 41.20 1.64
C ARG A 368 -25.13 41.39 2.75
N GLY A 369 -24.75 41.31 4.03
CA GLY A 369 -25.64 41.55 5.17
C GLY A 369 -26.17 40.37 5.97
N PRO A 370 -25.43 39.24 6.14
CA PRO A 370 -25.98 38.11 6.93
C PRO A 370 -25.97 38.35 8.44
N LEU A 371 -24.99 39.12 8.95
CA LEU A 371 -24.94 39.50 10.36
C LEU A 371 -25.99 40.58 10.65
N VAL A 372 -26.31 41.46 9.65
CA VAL A 372 -27.34 42.49 9.73
C VAL A 372 -28.70 41.81 9.94
N ASN A 373 -28.95 40.72 9.21
CA ASN A 373 -30.16 39.94 9.34
C ASN A 373 -30.19 39.13 10.65
N ALA A 374 -29.02 38.79 11.21
CA ALA A 374 -28.94 38.12 12.50
C ALA A 374 -29.28 39.12 13.61
N SER A 375 -28.79 40.38 13.48
CA SER A 375 -29.08 41.45 14.44
C SER A 375 -30.56 41.87 14.43
N LEU A 376 -31.29 41.60 13.35
CA LEU A 376 -32.70 41.92 13.30
C LEU A 376 -33.47 40.86 14.09
N ARG A 377 -33.17 39.58 13.83
CA ARG A 377 -33.80 38.46 14.54
C ARG A 377 -33.45 38.43 16.03
N ALA A 378 -32.28 39.00 16.41
CA ALA A 378 -31.83 39.11 17.79
C ALA A 378 -32.51 40.26 18.52
N ALA A 379 -33.00 41.28 17.80
CA ALA A 379 -33.74 42.41 18.37
C ALA A 379 -35.22 42.05 18.55
N LYS A 380 -35.77 41.16 17.70
CA LYS A 380 -37.14 40.69 17.79
C LYS A 380 -37.31 39.80 19.01
N GLN A 381 -36.52 38.71 19.13
CA GLN A 381 -36.66 37.82 20.28
C GLN A 381 -36.24 38.47 21.59
N ALA A 382 -35.19 39.30 21.60
CA ALA A 382 -34.80 40.00 22.83
C ALA A 382 -35.74 41.16 23.18
N ASP A 383 -36.57 41.62 22.22
CA ASP A 383 -37.53 42.71 22.37
C ASP A 383 -36.92 44.01 22.86
N ARG A 384 -35.84 44.45 22.20
CA ARG A 384 -35.18 45.73 22.49
C ARG A 384 -35.06 46.52 21.15
N ARG A 385 -34.82 47.83 21.24
CA ARG A 385 -34.70 48.67 20.05
C ARG A 385 -33.23 48.83 19.66
N ILE A 386 -32.90 48.69 18.37
CA ILE A 386 -31.51 48.84 17.90
C ILE A 386 -31.41 49.71 16.65
N LYS A 387 -30.33 50.49 16.57
CA LYS A 387 -30.05 51.33 15.42
C LYS A 387 -28.88 50.65 14.73
N LEU A 388 -29.13 50.00 13.58
CA LEU A 388 -28.11 49.25 12.85
C LEU A 388 -27.28 50.00 11.84
N TYR A 389 -26.00 49.66 11.76
CA TYR A 389 -25.06 50.23 10.79
C TYR A 389 -24.38 49.09 10.10
N ALA A 390 -24.29 49.11 8.76
CA ALA A 390 -23.62 48.04 8.04
C ALA A 390 -22.36 48.56 7.35
N VAL A 391 -21.20 48.51 8.03
CA VAL A 391 -19.95 48.99 7.44
C VAL A 391 -19.30 47.92 6.57
N GLU A 392 -19.06 48.23 5.27
CA GLU A 392 -18.43 47.30 4.31
C GLU A 392 -17.52 48.08 3.35
N LYS A 393 -16.29 47.58 3.14
CA LYS A 393 -15.30 48.21 2.27
C LYS A 393 -15.37 47.71 0.83
N ASN A 394 -15.78 46.46 0.61
CA ASN A 394 -15.94 45.89 -0.73
C ASN A 394 -17.09 46.62 -1.41
N PRO A 395 -16.78 47.48 -2.39
CA PRO A 395 -17.85 48.25 -3.06
C PRO A 395 -18.86 47.41 -3.82
N ASN A 396 -18.49 46.18 -4.17
CA ASN A 396 -19.37 45.32 -4.94
C ASN A 396 -20.40 44.71 -4.01
N ALA A 397 -19.98 44.32 -2.79
CA ALA A 397 -20.89 43.79 -1.78
C ALA A 397 -21.87 44.92 -1.37
N VAL A 398 -21.35 46.16 -1.20
CA VAL A 398 -22.09 47.37 -0.86
C VAL A 398 -23.26 47.63 -1.83
N VAL A 399 -23.15 47.19 -3.07
CA VAL A 399 -24.23 47.30 -4.06
C VAL A 399 -25.42 46.43 -3.59
N THR A 400 -25.12 45.21 -3.09
CA THR A 400 -26.09 44.25 -2.54
C THR A 400 -26.79 44.81 -1.27
N LEU A 401 -26.01 45.50 -0.40
CA LEU A 401 -26.46 46.10 0.85
C LEU A 401 -27.40 47.28 0.60
N GLU A 402 -27.09 48.10 -0.41
CA GLU A 402 -27.88 49.28 -0.73
C GLU A 402 -29.17 48.93 -1.46
N ASN A 403 -29.18 47.81 -2.20
CA ASN A 403 -30.42 47.35 -2.84
C ASN A 403 -31.38 46.80 -1.76
N TRP A 404 -30.83 46.16 -0.70
CA TRP A 404 -31.62 45.66 0.40
C TRP A 404 -32.02 46.75 1.38
N GLN A 405 -31.19 47.79 1.52
CA GLN A 405 -31.50 48.95 2.38
C GLN A 405 -32.74 49.64 1.85
N PHE A 406 -32.86 49.77 0.51
CA PHE A 406 -34.01 50.40 -0.09
C PHE A 406 -35.19 49.45 -0.08
N GLU A 407 -35.04 48.26 -0.65
CA GLU A 407 -36.12 47.30 -0.79
C GLU A 407 -36.68 46.69 0.49
N GLU A 408 -35.86 46.46 1.54
CA GLU A 408 -36.36 45.75 2.73
C GLU A 408 -36.05 46.37 4.10
N TRP A 409 -34.77 46.64 4.43
CA TRP A 409 -34.42 47.17 5.75
C TRP A 409 -34.98 48.57 6.08
N GLY A 410 -34.84 49.51 5.17
CA GLY A 410 -35.31 50.87 5.40
C GLY A 410 -34.42 51.68 6.33
N SER A 411 -34.99 52.74 6.94
CA SER A 411 -34.30 53.66 7.88
C SER A 411 -33.54 52.97 9.02
N GLN A 412 -33.94 51.73 9.32
CA GLN A 412 -33.37 50.85 10.33
C GLN A 412 -31.82 50.75 10.18
N VAL A 413 -31.35 50.24 9.02
CA VAL A 413 -29.93 50.06 8.71
C VAL A 413 -29.34 51.23 7.92
N THR A 414 -28.20 51.73 8.37
CA THR A 414 -27.47 52.81 7.71
C THR A 414 -26.21 52.18 7.07
N VAL A 415 -26.28 51.88 5.76
CA VAL A 415 -25.15 51.32 5.01
C VAL A 415 -24.03 52.33 4.81
N VAL A 416 -22.84 52.01 5.31
CA VAL A 416 -21.66 52.88 5.20
C VAL A 416 -20.62 52.22 4.32
N SER A 417 -20.25 52.84 3.19
CA SER A 417 -19.29 52.23 2.27
C SER A 417 -17.90 52.73 2.59
N SER A 418 -17.24 52.05 3.56
CA SER A 418 -15.91 52.44 4.00
C SER A 418 -15.15 51.26 4.66
N ASP A 419 -13.86 51.51 4.97
CA ASP A 419 -12.95 50.67 5.70
C ASP A 419 -13.16 51.10 7.16
N THR A 420 -13.32 50.14 8.09
CA THR A 420 -13.57 50.49 9.49
C THR A 420 -12.48 51.33 10.15
N ARG A 421 -11.24 51.28 9.67
CA ARG A 421 -10.16 52.07 10.25
C ARG A 421 -10.09 53.51 9.74
N GLU A 422 -10.84 53.83 8.69
CA GLU A 422 -10.87 55.19 8.15
C GLU A 422 -12.25 55.87 8.26
N TRP A 423 -13.22 55.19 8.85
CA TRP A 423 -14.55 55.71 8.99
C TRP A 423 -14.69 56.57 10.20
N VAL A 424 -15.22 57.76 10.01
CA VAL A 424 -15.50 58.68 11.09
C VAL A 424 -16.98 58.48 11.33
N ALA A 425 -17.34 57.84 12.44
CA ALA A 425 -18.71 57.51 12.78
C ALA A 425 -19.49 58.74 13.29
N PRO A 426 -20.82 58.76 13.09
CA PRO A 426 -21.60 59.90 13.63
C PRO A 426 -21.60 59.87 15.16
N GLU A 427 -22.03 58.73 15.75
CA GLU A 427 -22.05 58.57 17.19
C GLU A 427 -21.35 57.27 17.62
N LYS A 428 -20.90 57.20 18.88
CA LYS A 428 -20.23 56.00 19.39
C LYS A 428 -21.14 54.75 19.41
N ALA A 429 -20.54 53.55 19.48
CA ALA A 429 -21.29 52.29 19.43
C ALA A 429 -21.46 51.55 20.76
N ASP A 430 -22.60 50.87 20.88
CA ASP A 430 -22.91 50.06 22.05
C ASP A 430 -22.34 48.64 21.82
N ILE A 431 -22.57 48.10 20.63
CA ILE A 431 -22.06 46.80 20.26
C ILE A 431 -21.45 46.87 18.86
N ILE A 432 -20.24 46.32 18.71
CA ILE A 432 -19.62 46.15 17.39
C ILE A 432 -19.63 44.65 17.12
N VAL A 433 -20.13 44.24 15.97
CA VAL A 433 -20.22 42.81 15.63
C VAL A 433 -19.43 42.56 14.34
N SER A 434 -18.49 41.60 14.36
CA SER A 434 -17.68 41.31 13.17
C SER A 434 -17.47 39.82 12.95
N GLU A 435 -17.12 39.45 11.72
CA GLU A 435 -16.83 38.06 11.33
C GLU A 435 -15.46 38.00 10.66
N LEU A 436 -14.52 38.86 11.06
CA LEU A 436 -13.19 39.01 10.47
C LEU A 436 -12.19 37.89 10.82
N LEU A 437 -12.66 36.63 10.94
CA LEU A 437 -11.76 35.55 11.37
C LEU A 437 -11.47 34.58 10.29
N GLY A 438 -10.22 34.10 10.26
CA GLY A 438 -9.85 33.05 9.32
C GLY A 438 -9.70 31.72 10.03
N SER A 439 -9.30 30.67 9.31
CA SER A 439 -9.09 29.35 9.90
C SER A 439 -8.04 29.35 11.02
N PHE A 440 -7.13 30.33 11.08
CA PHE A 440 -6.14 30.46 12.18
C PHE A 440 -6.48 31.62 13.14
N ALA A 441 -7.76 31.99 13.17
CA ALA A 441 -8.42 33.05 13.90
C ALA A 441 -7.97 34.45 13.40
N ASP A 442 -6.79 34.96 13.78
CA ASP A 442 -6.25 36.27 13.47
C ASP A 442 -5.58 36.38 12.07
N ASN A 443 -5.64 35.31 11.23
CA ASN A 443 -4.95 35.36 9.96
C ASN A 443 -5.58 36.28 8.92
N GLU A 444 -6.84 36.75 9.14
CA GLU A 444 -7.41 37.75 8.24
C GLU A 444 -7.18 39.19 8.77
N LEU A 445 -6.36 39.35 9.81
CA LEU A 445 -5.97 40.62 10.42
C LEU A 445 -7.06 41.26 11.27
N SER A 446 -8.02 40.44 11.78
CA SER A 446 -9.05 40.90 12.73
C SER A 446 -8.49 41.74 13.87
N PRO A 447 -7.36 41.38 14.55
CA PRO A 447 -6.85 42.25 15.63
C PRO A 447 -6.67 43.70 15.18
N GLU A 448 -5.99 43.93 14.04
CA GLU A 448 -5.74 45.24 13.43
C GLU A 448 -7.03 46.02 13.13
N CYS A 449 -8.02 45.32 12.58
CA CYS A 449 -9.28 45.91 12.21
C CYS A 449 -10.05 46.38 13.46
N LEU A 450 -10.42 45.46 14.38
CA LEU A 450 -11.15 45.83 15.57
C LEU A 450 -10.40 46.83 16.44
N ASP A 451 -9.05 46.86 16.38
CA ASP A 451 -8.26 47.86 17.10
C ASP A 451 -8.60 49.27 16.59
N GLY A 452 -8.69 49.40 15.27
CA GLY A 452 -9.03 50.66 14.60
C GLY A 452 -10.51 51.03 14.64
N ALA A 453 -11.30 50.26 15.38
CA ALA A 453 -12.71 50.52 15.59
C ALA A 453 -13.00 50.82 17.08
N GLN A 454 -12.00 50.65 17.97
CA GLN A 454 -12.13 50.92 19.40
C GLN A 454 -12.34 52.39 19.71
N HIS A 455 -11.88 53.30 18.82
CA HIS A 455 -12.09 54.71 19.04
C HIS A 455 -13.57 55.05 18.94
N PHE A 456 -14.30 54.47 17.96
CA PHE A 456 -15.74 54.73 17.87
C PHE A 456 -16.59 53.81 18.74
N LEU A 457 -15.99 53.11 19.70
CA LEU A 457 -16.72 52.24 20.62
C LEU A 457 -16.83 52.98 21.97
N LYS A 458 -18.05 53.00 22.54
CA LYS A 458 -18.30 53.63 23.85
C LYS A 458 -17.34 53.09 24.92
N ASP A 459 -17.05 53.88 25.95
CA ASP A 459 -16.14 53.45 27.03
C ASP A 459 -16.61 52.19 27.80
N ASP A 460 -17.81 51.67 27.46
CA ASP A 460 -18.34 50.45 28.04
C ASP A 460 -19.01 49.53 27.00
N GLY A 461 -18.75 49.75 25.71
CA GLY A 461 -19.35 48.95 24.63
C GLY A 461 -18.79 47.54 24.54
N VAL A 462 -19.60 46.60 24.02
CA VAL A 462 -19.25 45.17 23.85
C VAL A 462 -18.74 44.89 22.43
N SER A 463 -17.69 44.05 22.28
CA SER A 463 -17.25 43.61 20.97
C SER A 463 -17.69 42.15 20.80
N ILE A 464 -18.28 41.80 19.67
CA ILE A 464 -18.68 40.42 19.38
C ILE A 464 -17.97 40.00 18.08
N PRO A 465 -16.95 39.10 18.13
CA PRO A 465 -16.47 38.33 19.28
C PRO A 465 -15.62 39.13 20.24
N GLY A 466 -15.58 38.68 21.49
CA GLY A 466 -14.79 39.33 22.51
C GLY A 466 -13.42 38.70 22.67
N GLU A 467 -13.26 37.46 22.23
CA GLU A 467 -11.98 36.77 22.32
C GLU A 467 -11.86 35.73 21.23
N TYR A 468 -10.63 35.45 20.82
CA TYR A 468 -10.36 34.34 19.90
C TYR A 468 -8.97 33.80 20.15
N THR A 469 -8.79 32.51 19.92
CA THR A 469 -7.55 31.80 20.19
C THR A 469 -7.26 30.85 19.04
N SER A 470 -6.02 30.86 18.55
CA SER A 470 -5.57 29.91 17.53
C SER A 470 -4.98 28.65 18.22
N PHE A 471 -5.01 27.52 17.55
CA PHE A 471 -4.50 26.25 18.06
C PHE A 471 -3.62 25.56 17.02
N LEU A 472 -2.64 24.74 17.44
CA LEU A 472 -1.80 23.99 16.49
C LEU A 472 -1.64 22.55 16.92
N ALA A 473 -1.50 21.63 15.97
CA ALA A 473 -1.28 20.22 16.29
C ALA A 473 -0.29 19.68 15.25
N PRO A 474 0.78 18.95 15.67
CA PRO A 474 1.73 18.43 14.67
C PRO A 474 1.12 17.30 13.89
N ILE A 475 1.30 17.28 12.56
CA ILE A 475 0.72 16.22 11.74
C ILE A 475 1.77 15.48 10.88
N SER A 476 1.40 14.28 10.46
CA SER A 476 2.19 13.46 9.59
C SER A 476 1.30 13.17 8.42
N SER A 477 1.78 13.44 7.24
CA SER A 477 1.10 13.11 6.02
C SER A 477 2.04 13.27 4.89
N SER A 478 2.63 12.16 4.44
CA SER A 478 3.48 12.20 3.26
C SER A 478 2.69 12.59 2.00
N LYS A 479 1.36 12.41 2.02
CA LYS A 479 0.49 12.77 0.91
C LYS A 479 0.34 14.30 0.84
N LEU A 480 0.09 14.98 1.96
CA LEU A 480 0.00 16.44 1.98
C LEU A 480 1.38 17.03 1.74
N TYR A 481 2.45 16.41 2.26
CA TYR A 481 3.82 16.83 1.98
C TYR A 481 4.08 16.82 0.46
N ASN A 482 3.67 15.73 -0.21
CA ASN A 482 3.83 15.64 -1.64
C ASN A 482 2.96 16.62 -2.36
N GLU A 483 1.76 16.87 -1.88
CA GLU A 483 0.85 17.86 -2.46
C GLU A 483 1.43 19.31 -2.44
N VAL A 484 2.09 19.70 -1.31
CA VAL A 484 2.76 21.01 -1.16
C VAL A 484 3.99 21.06 -2.08
N ARG A 485 4.76 19.97 -2.18
CA ARG A 485 5.94 19.88 -3.05
C ARG A 485 5.55 20.17 -4.51
N ALA A 486 4.37 19.70 -4.95
CA ALA A 486 3.89 19.94 -6.31
C ALA A 486 3.47 21.39 -6.60
N CYS A 487 3.54 22.27 -5.59
CA CYS A 487 3.20 23.70 -5.72
C CYS A 487 4.36 24.57 -6.15
N ARG A 488 5.49 23.97 -6.59
CA ARG A 488 6.61 24.75 -7.07
C ARG A 488 6.21 25.51 -8.33
N GLU A 489 6.57 26.78 -8.40
CA GLU A 489 6.25 27.63 -9.53
C GLU A 489 7.51 28.28 -10.07
N LYS A 490 7.46 28.70 -11.32
CA LYS A 490 8.57 29.37 -11.96
C LYS A 490 8.57 30.85 -11.53
N ASP A 491 9.70 31.55 -11.72
CA ASP A 491 9.83 32.96 -11.36
C ASP A 491 9.66 33.24 -9.87
N ARG A 492 9.89 32.23 -9.02
CA ARG A 492 9.86 32.42 -7.56
C ARG A 492 10.84 31.48 -6.84
N ASP A 493 11.00 31.61 -5.51
CA ASP A 493 11.87 30.72 -4.75
C ASP A 493 11.40 29.26 -4.94
N PRO A 494 12.33 28.36 -5.28
CA PRO A 494 11.93 26.97 -5.52
C PRO A 494 11.32 26.26 -4.32
N GLU A 495 11.49 26.80 -3.10
CA GLU A 495 10.93 26.22 -1.90
C GLU A 495 9.89 27.12 -1.23
N ALA A 496 9.42 28.21 -1.90
CA ALA A 496 8.44 29.15 -1.33
C ALA A 496 7.15 28.48 -0.93
N GLN A 497 6.76 27.39 -1.61
CA GLN A 497 5.53 26.66 -1.28
C GLN A 497 5.54 26.05 0.10
N PHE A 498 6.73 25.90 0.72
CA PHE A 498 6.78 25.36 2.08
C PHE A 498 6.73 26.43 3.15
N GLU A 499 6.71 27.73 2.77
CA GLU A 499 6.76 28.84 3.70
C GLU A 499 5.49 29.68 3.64
N MET A 500 4.35 29.00 3.46
CA MET A 500 3.07 29.71 3.46
C MET A 500 1.97 28.76 3.93
N PRO A 501 1.00 29.28 4.68
CA PRO A 501 -0.12 28.43 5.10
C PRO A 501 -1.06 28.09 3.95
N TYR A 502 -1.76 26.99 4.06
CA TYR A 502 -2.77 26.57 3.08
C TYR A 502 -4.04 26.27 3.83
N VAL A 503 -5.19 26.60 3.29
CA VAL A 503 -6.45 26.15 3.89
C VAL A 503 -6.70 24.81 3.21
N VAL A 504 -7.01 23.79 4.01
CA VAL A 504 -7.21 22.45 3.45
C VAL A 504 -8.08 21.59 4.35
N ARG A 505 -9.01 20.83 3.73
CA ARG A 505 -9.82 19.89 4.47
C ARG A 505 -8.89 18.69 4.59
N LEU A 506 -8.07 18.62 5.68
CA LEU A 506 -7.11 17.56 5.96
C LEU A 506 -7.88 16.27 6.08
N HIS A 507 -7.41 15.23 5.42
CA HIS A 507 -8.10 13.97 5.39
C HIS A 507 -7.11 12.78 5.57
N ASN A 508 -6.25 12.48 4.58
CA ASN A 508 -5.25 11.42 4.73
C ASN A 508 -4.06 12.01 5.54
N PHE A 509 -4.17 11.96 6.87
CA PHE A 509 -3.15 12.49 7.75
C PHE A 509 -3.22 11.82 9.13
N HIS A 510 -2.29 12.19 10.03
CA HIS A 510 -2.23 11.64 11.35
C HIS A 510 -1.87 12.77 12.29
N GLN A 511 -2.70 13.02 13.29
CA GLN A 511 -2.41 14.07 14.27
C GLN A 511 -1.54 13.48 15.36
N LEU A 512 -0.29 13.90 15.43
CA LEU A 512 0.70 13.35 16.36
C LEU A 512 0.59 13.78 17.81
N SER A 513 -0.16 14.85 18.08
CA SER A 513 -0.31 15.34 19.45
C SER A 513 -1.54 16.22 19.52
N ALA A 514 -2.16 16.31 20.68
CA ALA A 514 -3.36 17.13 20.90
C ALA A 514 -3.15 18.61 20.56
N PRO A 515 -4.16 19.31 19.96
CA PRO A 515 -3.98 20.73 19.68
C PRO A 515 -3.71 21.55 20.94
N GLN A 516 -2.89 22.56 20.83
CA GLN A 516 -2.51 23.40 21.96
C GLN A 516 -2.66 24.88 21.56
N PRO A 517 -2.99 25.78 22.50
CA PRO A 517 -3.22 27.17 22.13
C PRO A 517 -1.96 27.87 21.68
N CYS A 518 -2.06 28.71 20.65
CA CYS A 518 -0.93 29.44 20.10
C CYS A 518 -1.01 30.96 20.42
N PHE A 519 -1.92 31.73 19.77
CA PHE A 519 -2.07 33.16 20.00
C PHE A 519 -3.50 33.49 20.34
N THR A 520 -3.71 34.42 21.29
CA THR A 520 -5.05 34.84 21.74
C THR A 520 -5.19 36.36 21.56
N PHE A 521 -6.36 36.82 21.16
CA PHE A 521 -6.64 38.25 21.10
C PHE A 521 -7.97 38.49 21.77
N SER A 522 -8.07 39.61 22.49
CA SER A 522 -9.31 39.98 23.16
C SER A 522 -9.73 41.41 22.78
N HIS A 523 -11.03 41.61 22.55
CA HIS A 523 -11.60 42.89 22.14
C HIS A 523 -12.75 43.34 23.02
N PRO A 524 -12.68 44.57 23.55
CA PRO A 524 -11.65 45.59 23.33
C PRO A 524 -10.36 45.37 24.11
N ASN A 525 -9.31 46.07 23.71
CA ASN A 525 -8.00 46.03 24.33
C ASN A 525 -7.72 47.44 24.86
N ARG A 526 -8.34 47.77 26.01
CA ARG A 526 -8.25 49.09 26.64
C ARG A 526 -6.85 49.43 27.22
N ASP A 527 -5.83 48.62 26.87
CA ASP A 527 -4.46 48.77 27.30
C ASP A 527 -3.62 49.49 26.20
N PRO A 528 -2.84 50.53 26.58
CA PRO A 528 -1.92 51.13 25.59
C PRO A 528 -0.68 50.24 25.39
N MET A 529 0.14 50.51 24.34
CA MET A 529 1.29 49.65 23.98
C MET A 529 0.81 48.20 23.74
N ILE A 530 -0.39 48.10 23.12
CA ILE A 530 -1.22 46.92 22.82
C ILE A 530 -0.34 45.79 22.20
N ASP A 531 0.26 46.06 21.00
CA ASP A 531 1.14 45.18 20.23
C ASP A 531 0.50 43.82 19.83
N ASN A 532 0.21 43.67 18.53
CA ASN A 532 -0.39 42.45 17.99
C ASN A 532 0.64 41.38 17.55
N ASN A 533 1.94 41.68 17.66
CA ASN A 533 2.99 40.72 17.40
C ASN A 533 3.01 39.72 18.54
N ARG A 534 3.44 38.52 18.22
CA ARG A 534 3.44 37.42 19.16
C ARG A 534 4.66 36.52 18.99
N TYR A 535 4.94 35.71 20.01
CA TYR A 535 6.00 34.71 19.98
C TYR A 535 5.60 33.67 20.99
N CYS A 536 5.32 32.43 20.52
CA CYS A 536 4.83 31.33 21.34
C CYS A 536 5.70 30.10 21.12
N THR A 537 5.99 29.36 22.19
CA THR A 537 6.76 28.13 22.10
C THR A 537 5.90 27.01 22.59
N LEU A 538 5.60 26.03 21.74
CA LEU A 538 4.80 24.87 22.10
C LEU A 538 5.66 23.60 22.19
N GLU A 539 5.30 22.72 23.13
CA GLU A 539 5.95 21.43 23.35
C GLU A 539 4.90 20.33 23.22
N PHE A 540 5.01 19.54 22.17
CA PHE A 540 4.09 18.47 21.85
C PHE A 540 4.64 17.08 22.17
N PRO A 541 4.10 16.44 23.23
CA PRO A 541 4.53 15.07 23.56
C PRO A 541 4.02 14.10 22.48
N VAL A 542 4.91 13.29 21.92
CA VAL A 542 4.55 12.35 20.88
C VAL A 542 4.73 10.88 21.36
N GLU A 543 3.65 10.09 21.30
CA GLU A 543 3.65 8.73 21.78
C GLU A 543 3.95 7.66 20.72
N VAL A 544 4.01 8.02 19.45
CA VAL A 544 4.27 7.06 18.37
C VAL A 544 5.59 7.36 17.62
N ASN A 545 6.08 6.40 16.81
CA ASN A 545 7.23 6.66 15.92
C ASN A 545 6.56 7.23 14.69
N THR A 546 7.13 8.28 14.06
CA THR A 546 6.45 8.95 12.92
C THR A 546 7.39 9.88 12.10
N VAL A 547 6.84 10.60 11.11
CA VAL A 547 7.54 11.59 10.29
C VAL A 547 6.67 12.84 10.25
N LEU A 548 7.17 13.96 10.79
CA LEU A 548 6.45 15.22 10.84
C LEU A 548 6.57 15.93 9.53
N HIS A 549 5.45 16.47 9.00
CA HIS A 549 5.48 17.24 7.75
C HIS A 549 4.96 18.68 7.90
N GLY A 550 4.24 18.96 8.98
CA GLY A 550 3.64 20.27 9.19
C GLY A 550 2.79 20.34 10.42
N PHE A 551 2.02 21.41 10.55
CA PHE A 551 1.19 21.69 11.71
C PHE A 551 -0.19 22.16 11.27
N ALA A 552 -1.24 21.49 11.72
CA ALA A 552 -2.62 21.87 11.47
C ALA A 552 -2.94 23.02 12.39
N GLY A 553 -3.57 24.06 11.86
CA GLY A 553 -4.01 25.19 12.66
C GLY A 553 -5.52 25.25 12.70
N TYR A 554 -6.07 25.52 13.85
CA TYR A 554 -7.52 25.65 14.04
C TYR A 554 -7.76 26.88 14.95
N PHE A 555 -9.03 27.18 15.27
CA PHE A 555 -9.32 28.32 16.12
C PHE A 555 -10.56 28.12 16.99
N GLU A 556 -10.70 29.00 17.98
CA GLU A 556 -11.83 29.03 18.89
C GLU A 556 -12.13 30.47 19.15
N THR A 557 -13.44 30.81 19.26
CA THR A 557 -13.82 32.19 19.55
C THR A 557 -14.99 32.29 20.49
N VAL A 558 -14.91 33.27 21.35
CA VAL A 558 -15.92 33.60 22.32
C VAL A 558 -16.65 34.78 21.71
N LEU A 559 -17.86 34.53 21.19
CA LEU A 559 -18.67 35.59 20.61
C LEU A 559 -19.16 36.45 21.78
N TYR A 560 -19.80 35.79 22.77
CA TYR A 560 -20.32 36.45 23.97
C TYR A 560 -20.58 35.40 25.04
N GLN A 561 -19.96 35.59 26.23
CA GLN A 561 -20.13 34.71 27.40
C GLN A 561 -19.99 33.20 27.03
N ASP A 562 -21.04 32.37 27.17
CA ASP A 562 -20.92 30.95 26.83
C ASP A 562 -21.13 30.63 25.36
N ILE A 563 -21.52 31.63 24.56
CA ILE A 563 -21.77 31.41 23.14
C ILE A 563 -20.41 31.43 22.45
N THR A 564 -20.06 30.31 21.83
CA THR A 564 -18.76 30.18 21.20
C THR A 564 -18.83 29.50 19.84
N LEU A 565 -17.77 29.68 19.04
CA LEU A 565 -17.62 28.96 17.79
C LEU A 565 -16.24 28.31 17.78
N SER A 566 -16.14 27.12 17.19
CA SER A 566 -14.87 26.42 17.16
C SER A 566 -14.65 25.52 15.96
N ILE A 567 -13.40 25.46 15.49
CA ILE A 567 -13.03 24.49 14.47
C ILE A 567 -11.97 23.49 15.04
N ARG A 568 -11.63 23.58 16.35
CA ARG A 568 -10.75 22.67 17.09
C ARG A 568 -11.49 21.32 17.07
N PRO A 569 -10.93 20.29 16.42
CA PRO A 569 -11.70 19.05 16.20
C PRO A 569 -12.43 18.48 17.42
N GLU A 570 -11.81 18.58 18.59
CA GLU A 570 -12.42 18.07 19.80
C GLU A 570 -13.66 18.88 20.21
N THR A 571 -13.61 20.21 20.05
CA THR A 571 -14.77 21.05 20.38
C THR A 571 -15.47 21.59 19.12
N HIS A 572 -15.37 20.89 17.99
CA HIS A 572 -15.93 21.39 16.73
C HIS A 572 -17.43 21.66 16.80
N SER A 573 -17.83 22.92 16.49
CA SER A 573 -19.23 23.38 16.42
C SER A 573 -19.92 22.53 15.39
N PRO A 574 -20.89 21.68 15.80
CA PRO A 574 -21.50 20.74 14.85
C PRO A 574 -22.18 21.39 13.66
N GLY A 575 -21.96 20.78 12.51
CA GLY A 575 -22.53 21.22 11.24
C GLY A 575 -22.11 22.59 10.75
N MET A 576 -20.92 23.08 11.13
CA MET A 576 -20.48 24.41 10.68
C MET A 576 -19.50 24.27 9.51
N PHE A 577 -19.76 24.95 8.41
CA PHE A 577 -18.97 24.81 7.19
C PHE A 577 -18.01 25.98 6.85
N SER A 578 -18.20 27.16 7.43
CA SER A 578 -17.44 28.34 7.06
C SER A 578 -15.92 28.20 7.14
N TRP A 579 -15.39 27.31 7.97
CA TRP A 579 -13.94 27.16 8.05
C TRP A 579 -13.45 25.73 7.94
N PHE A 580 -12.31 25.54 7.28
CA PHE A 580 -11.56 24.28 7.16
C PHE A 580 -10.22 24.53 7.86
N PRO A 581 -9.49 23.50 8.32
CA PRO A 581 -8.20 23.76 8.99
C PRO A 581 -7.12 24.36 8.08
N ILE A 582 -6.19 25.11 8.66
CA ILE A 582 -5.03 25.61 7.95
C ILE A 582 -3.87 24.55 8.07
N LEU A 583 -2.85 24.66 7.24
CA LEU A 583 -1.68 23.76 7.26
C LEU A 583 -0.45 24.64 7.07
N PHE A 584 0.45 24.53 8.01
CA PHE A 584 1.71 25.24 7.98
C PHE A 584 2.72 24.15 7.72
N PRO A 585 3.24 24.05 6.50
CA PRO A 585 4.22 23.00 6.21
C PRO A 585 5.63 23.30 6.71
N ILE A 586 6.52 22.33 6.60
CA ILE A 586 7.96 22.48 6.87
C ILE A 586 8.70 21.87 5.67
N LYS A 587 9.75 22.55 5.23
CA LYS A 587 10.61 22.18 4.11
C LYS A 587 11.09 20.73 4.16
N GLN A 588 11.76 20.35 5.25
CA GLN A 588 12.29 18.99 5.37
C GLN A 588 11.62 18.20 6.45
N PRO A 589 11.04 17.03 6.12
CA PRO A 589 10.31 16.25 7.13
C PRO A 589 11.21 15.75 8.24
N ILE A 590 10.66 15.62 9.44
CA ILE A 590 11.43 15.31 10.62
C ILE A 590 11.01 14.01 11.28
N THR A 591 11.97 13.11 11.41
CA THR A 591 11.71 11.84 12.04
C THR A 591 11.45 12.04 13.53
N VAL A 592 10.36 11.47 14.03
CA VAL A 592 10.09 11.56 15.45
C VAL A 592 9.96 10.18 16.06
N ARG A 593 10.83 9.83 17.02
CA ARG A 593 10.81 8.56 17.71
C ARG A 593 9.73 8.59 18.82
N GLU A 594 9.24 7.41 19.22
CA GLU A 594 8.27 7.21 20.29
C GLU A 594 8.84 7.82 21.58
N GLY A 595 8.05 8.64 22.28
CA GLY A 595 8.51 9.31 23.49
C GLY A 595 9.17 10.68 23.28
N GLN A 596 9.48 11.05 22.02
CA GLN A 596 10.13 12.34 21.79
C GLN A 596 9.12 13.50 21.84
N THR A 597 9.62 14.70 22.07
CA THR A 597 8.78 15.88 22.10
C THR A 597 9.09 16.69 20.87
N ILE A 598 8.05 17.09 20.12
CA ILE A 598 8.20 18.02 19.00
C ILE A 598 8.04 19.41 19.61
N CYS A 599 9.01 20.28 19.44
CA CYS A 599 8.93 21.64 19.94
C CYS A 599 8.81 22.63 18.76
N VAL A 600 7.74 23.44 18.71
CA VAL A 600 7.53 24.40 17.63
C VAL A 600 7.50 25.84 18.14
N ARG A 601 8.00 26.77 17.36
CA ARG A 601 8.00 28.17 17.70
C ARG A 601 7.21 28.87 16.64
N PHE A 602 6.35 29.80 17.04
CA PHE A 602 5.55 30.56 16.10
C PHE A 602 5.66 32.01 16.44
N TRP A 603 5.63 32.84 15.40
CA TRP A 603 5.72 34.27 15.55
C TRP A 603 4.64 34.93 14.73
N ARG A 604 4.04 36.00 15.24
CA ARG A 604 3.13 36.83 14.44
C ARG A 604 3.95 38.11 14.26
N CYS A 605 4.19 38.53 13.01
CA CYS A 605 5.04 39.70 12.74
C CYS A 605 4.35 40.72 11.95
N SER A 606 4.91 41.94 11.90
CA SER A 606 4.31 43.00 11.13
C SER A 606 5.17 44.25 11.00
N ASN A 607 4.88 44.98 9.94
CA ASN A 607 5.31 46.33 9.69
C ASN A 607 3.99 47.12 9.43
N SER A 608 4.06 48.39 9.02
CA SER A 608 2.85 49.21 8.78
C SER A 608 2.03 48.76 7.55
N LYS A 609 2.66 48.00 6.63
CA LYS A 609 2.02 47.56 5.41
C LYS A 609 1.49 46.11 5.41
N LYS A 610 2.26 45.16 5.98
CA LYS A 610 1.95 43.71 5.98
C LYS A 610 2.01 43.09 7.38
N VAL A 611 1.39 41.90 7.53
CA VAL A 611 1.41 41.05 8.72
C VAL A 611 1.76 39.64 8.20
N TRP A 612 2.51 38.84 8.97
CA TRP A 612 2.85 37.48 8.53
C TRP A 612 3.22 36.56 9.69
N TYR A 613 3.36 35.28 9.42
CA TYR A 613 3.81 34.33 10.39
C TYR A 613 5.21 33.88 10.00
N GLU A 614 5.98 33.50 10.99
CA GLU A 614 7.27 32.88 10.86
C GLU A 614 7.21 31.69 11.84
N TRP A 615 7.99 30.63 11.57
CA TRP A 615 7.92 29.44 12.41
C TRP A 615 9.08 28.51 12.27
N ALA A 616 9.42 27.77 13.32
CA ALA A 616 10.52 26.81 13.27
C ALA A 616 10.34 25.69 14.27
N VAL A 617 10.90 24.53 13.96
CA VAL A 617 10.88 23.37 14.84
C VAL A 617 12.23 23.42 15.55
N THR A 618 12.23 23.34 16.89
CA THR A 618 13.46 23.37 17.64
C THR A 618 13.81 22.00 18.28
N ALA A 619 12.84 21.05 18.31
CA ALA A 619 13.08 19.71 18.85
C ALA A 619 12.16 18.71 18.13
N PRO A 620 12.59 17.45 17.96
CA PRO A 620 13.88 16.86 18.37
C PRO A 620 15.10 17.37 17.59
N VAL A 621 14.87 18.04 16.44
CA VAL A 621 15.88 18.59 15.55
C VAL A 621 15.44 19.97 15.08
N CYS A 622 16.39 20.82 14.70
CA CYS A 622 16.03 22.14 14.22
C CYS A 622 15.68 22.16 12.77
N SER A 623 14.74 23.02 12.44
CA SER A 623 14.45 23.32 11.05
C SER A 623 14.94 24.74 10.83
N ALA A 624 14.95 25.17 9.59
CA ALA A 624 15.25 26.56 9.28
C ALA A 624 14.00 27.38 9.71
N ILE A 625 14.17 28.69 9.92
CA ILE A 625 13.05 29.55 10.23
C ILE A 625 12.26 29.73 8.93
N HIS A 626 10.98 29.41 8.96
CA HIS A 626 10.14 29.47 7.79
C HIS A 626 9.51 30.83 7.60
N ASN A 627 9.60 31.35 6.39
CA ASN A 627 9.05 32.63 5.98
C ASN A 627 9.72 33.84 6.72
N PRO A 628 11.07 33.89 6.80
CA PRO A 628 11.70 35.05 7.44
C PRO A 628 11.36 36.34 6.72
N THR A 629 10.77 37.29 7.45
CA THR A 629 10.36 38.63 6.99
C THR A 629 9.30 38.56 5.91
N GLY A 630 8.42 37.56 5.96
CA GLY A 630 7.36 37.37 4.98
C GLY A 630 7.86 37.29 3.55
N ARG A 631 9.09 36.77 3.33
CA ARG A 631 9.71 36.70 2.02
C ARG A 631 8.90 35.82 1.04
N SER A 632 8.19 34.81 1.56
CA SER A 632 7.35 33.91 0.80
C SER A 632 5.84 34.21 0.97
N TYR A 633 5.44 34.87 2.07
CA TYR A 633 4.02 35.07 2.35
C TYR A 633 3.79 36.17 3.31
N THR A 634 2.92 37.08 2.94
CA THR A 634 2.45 38.17 3.79
C THR A 634 0.95 38.29 3.59
N ILE A 635 0.29 38.89 4.58
CA ILE A 635 -1.14 39.21 4.65
C ILE A 635 -1.16 40.76 4.65
N GLY A 636 -1.69 41.35 3.59
CA GLY A 636 -1.70 42.80 3.45
C GLY A 636 -2.67 43.55 4.35
N LEU A 637 -2.18 44.69 4.87
CA LEU A 637 -2.98 45.58 5.71
C LEU A 637 -3.58 46.69 4.83
N CYS B 50 -1.08 -23.11 -28.35
CA CYS B 50 -1.54 -24.42 -28.81
C CYS B 50 -0.65 -25.56 -28.32
N MET B 51 0.69 -25.36 -28.33
CA MET B 51 1.62 -26.40 -27.87
C MET B 51 2.55 -25.92 -26.73
N GLU B 52 3.07 -26.88 -25.96
CA GLU B 52 3.94 -26.66 -24.80
C GLU B 52 5.39 -27.03 -25.08
N ARG B 53 6.17 -26.08 -25.58
CA ARG B 53 7.59 -26.21 -25.93
C ARG B 53 8.52 -26.43 -24.72
N GLN B 54 8.15 -25.90 -23.55
CA GLN B 54 9.02 -25.98 -22.36
C GLN B 54 8.83 -27.27 -21.58
N LEU B 55 9.80 -28.19 -21.71
CA LEU B 55 9.74 -29.46 -20.99
C LEU B 55 10.19 -29.29 -19.55
N GLU B 56 9.27 -29.49 -18.61
CA GLU B 56 9.55 -29.33 -17.20
C GLU B 56 10.07 -30.60 -16.48
N ALA B 57 9.47 -31.79 -16.75
CA ALA B 57 9.89 -33.00 -16.03
C ALA B 57 9.98 -34.28 -16.86
N ALA B 58 11.05 -35.08 -16.65
CA ALA B 58 11.32 -36.39 -17.26
C ALA B 58 11.40 -37.43 -16.12
N ARG B 59 10.45 -38.39 -16.07
CA ARG B 59 10.43 -39.42 -15.00
C ARG B 59 10.25 -40.87 -15.50
N TYR B 60 11.33 -41.69 -15.49
CA TYR B 60 11.28 -43.11 -15.89
C TYR B 60 10.64 -43.99 -14.81
N ARG B 61 9.57 -44.75 -15.11
CA ARG B 61 9.03 -45.70 -14.11
C ARG B 61 9.82 -47.05 -14.11
N SER B 62 9.43 -48.02 -13.25
CA SER B 62 10.12 -49.31 -13.10
C SER B 62 10.42 -50.06 -14.41
N ASP B 63 9.46 -50.15 -15.35
CA ASP B 63 9.71 -50.87 -16.62
C ASP B 63 10.65 -50.12 -17.57
N GLY B 64 10.49 -48.81 -17.66
CA GLY B 64 11.31 -47.98 -18.56
C GLY B 64 10.51 -47.07 -19.48
N ALA B 65 9.27 -46.76 -19.08
CA ALA B 65 8.39 -45.86 -19.80
C ALA B 65 8.69 -44.44 -19.28
N LEU B 66 8.94 -43.50 -20.20
CA LEU B 66 9.28 -42.12 -19.86
C LEU B 66 8.07 -41.26 -19.59
N LEU B 67 8.07 -40.54 -18.45
CA LEU B 67 6.99 -39.59 -18.13
C LEU B 67 7.46 -38.19 -18.54
N LEU B 68 6.54 -37.37 -19.05
CA LEU B 68 6.88 -36.05 -19.55
C LEU B 68 5.90 -34.99 -19.16
N GLY B 69 6.35 -34.05 -18.35
CA GLY B 69 5.58 -32.88 -17.94
C GLY B 69 6.06 -31.69 -18.71
N ALA B 70 5.13 -30.85 -19.15
CA ALA B 70 5.50 -29.70 -19.98
C ALA B 70 4.54 -28.53 -19.86
N SER B 71 5.04 -27.33 -20.12
CA SER B 71 4.22 -26.13 -20.06
C SER B 71 4.60 -25.15 -21.15
N SER B 72 3.62 -24.34 -21.59
CA SER B 72 3.88 -23.28 -22.54
C SER B 72 4.02 -22.01 -21.71
N LEU B 73 5.25 -21.59 -21.50
CA LEU B 73 5.56 -20.43 -20.70
C LEU B 73 5.64 -19.13 -21.52
N SER B 74 5.06 -19.12 -22.73
CA SER B 74 5.02 -17.98 -23.66
C SER B 74 3.85 -18.18 -24.66
N GLY B 75 3.60 -17.17 -25.51
CA GLY B 75 2.54 -17.26 -26.49
C GLY B 75 1.16 -16.97 -25.91
N ARG B 76 0.13 -17.11 -26.75
CA ARG B 76 -1.25 -16.81 -26.39
C ARG B 76 -1.77 -17.59 -25.20
N CYS B 77 -1.40 -18.88 -25.11
CA CYS B 77 -1.86 -19.78 -24.06
C CYS B 77 -0.75 -20.23 -23.14
N TRP B 78 -1.03 -20.21 -21.83
CA TRP B 78 -0.06 -20.60 -20.80
C TRP B 78 -0.50 -21.85 -20.05
N ALA B 79 -1.06 -22.81 -20.78
CA ALA B 79 -1.53 -24.09 -20.27
C ALA B 79 -0.37 -25.17 -20.23
N GLY B 80 -0.66 -26.41 -19.81
CA GLY B 80 0.34 -27.46 -19.68
C GLY B 80 -0.14 -28.80 -20.18
N SER B 81 0.76 -29.80 -20.19
CA SER B 81 0.42 -31.13 -20.67
C SER B 81 1.17 -32.28 -19.95
N LEU B 82 0.60 -33.49 -20.00
CA LEU B 82 1.18 -34.70 -19.41
C LEU B 82 1.33 -35.73 -20.53
N TRP B 83 2.51 -36.38 -20.63
CA TRP B 83 2.78 -37.32 -21.71
C TRP B 83 3.47 -38.61 -21.25
N LEU B 84 3.04 -39.77 -21.78
CA LEU B 84 3.70 -41.04 -21.47
C LEU B 84 4.31 -41.62 -22.74
N PHE B 85 5.58 -42.00 -22.69
CA PHE B 85 6.28 -42.58 -23.83
C PHE B 85 6.82 -43.97 -23.51
N LYS B 86 6.13 -45.03 -23.98
CA LYS B 86 6.61 -46.40 -23.81
C LYS B 86 7.89 -46.69 -24.61
N ASP B 87 8.16 -45.87 -25.66
CA ASP B 87 9.38 -45.92 -26.44
C ASP B 87 10.11 -44.60 -26.15
N PRO B 88 11.04 -44.61 -25.16
CA PRO B 88 11.72 -43.36 -24.78
C PRO B 88 12.46 -42.65 -25.90
N CYS B 89 13.01 -43.40 -26.87
CA CYS B 89 13.72 -42.78 -27.98
C CYS B 89 12.82 -42.03 -28.97
N ALA B 90 11.50 -42.24 -28.89
CA ALA B 90 10.54 -41.55 -29.75
C ALA B 90 10.04 -40.22 -29.14
N ALA B 91 10.71 -39.71 -28.08
CA ALA B 91 10.38 -38.47 -27.40
C ALA B 91 11.30 -37.33 -27.86
N PRO B 92 10.80 -36.09 -27.93
CA PRO B 92 9.46 -35.62 -27.54
C PRO B 92 8.38 -35.60 -28.62
N ASN B 93 8.53 -36.42 -29.68
CA ASN B 93 7.55 -36.42 -30.77
C ASN B 93 6.13 -36.82 -30.32
N GLU B 94 5.22 -35.84 -30.30
CA GLU B 94 3.82 -35.93 -29.86
C GLU B 94 3.00 -37.09 -30.46
N GLY B 95 3.28 -37.44 -31.71
CA GLY B 95 2.56 -38.52 -32.37
C GLY B 95 3.14 -39.91 -32.11
N PHE B 96 4.35 -39.98 -31.56
CA PHE B 96 5.05 -41.22 -31.22
C PHE B 96 4.93 -41.53 -29.72
N CYS B 97 3.81 -41.15 -29.08
CA CYS B 97 3.58 -41.38 -27.65
C CYS B 97 2.51 -42.46 -27.39
N SER B 98 2.41 -42.94 -26.14
CA SER B 98 1.44 -43.95 -25.73
C SER B 98 0.16 -43.29 -25.19
N ALA B 99 0.32 -42.15 -24.47
CA ALA B 99 -0.79 -41.42 -23.88
C ALA B 99 -0.41 -39.94 -23.70
N GLY B 100 -1.42 -39.09 -23.67
CA GLY B 100 -1.24 -37.66 -23.49
C GLY B 100 -2.48 -36.98 -22.99
N VAL B 101 -2.32 -35.86 -22.28
CA VAL B 101 -3.47 -35.10 -21.78
C VAL B 101 -3.16 -33.61 -21.71
N GLN B 102 -4.19 -32.79 -21.89
CA GLN B 102 -4.08 -31.35 -21.81
C GLN B 102 -4.58 -30.91 -20.46
N THR B 103 -3.80 -30.07 -19.78
CA THR B 103 -4.17 -29.50 -18.47
C THR B 103 -4.56 -28.02 -18.66
N GLU B 104 -5.38 -27.48 -17.77
CA GLU B 104 -5.81 -26.08 -17.86
C GLU B 104 -4.70 -25.07 -17.48
N ALA B 105 -3.63 -25.53 -16.80
CA ALA B 105 -2.54 -24.66 -16.36
C ALA B 105 -1.17 -25.36 -16.45
N GLY B 106 -0.09 -24.59 -16.45
CA GLY B 106 1.28 -25.09 -16.59
C GLY B 106 1.73 -26.06 -15.52
N VAL B 107 2.63 -26.93 -15.90
CA VAL B 107 3.14 -27.96 -15.02
C VAL B 107 4.43 -27.47 -14.41
N ALA B 108 4.39 -27.07 -13.13
CA ALA B 108 5.61 -26.61 -12.45
C ALA B 108 6.41 -27.80 -11.92
N ASP B 109 5.72 -28.87 -11.46
CA ASP B 109 6.38 -30.10 -10.99
C ASP B 109 5.42 -31.31 -11.06
N LEU B 110 5.99 -32.53 -11.06
CA LEU B 110 5.21 -33.77 -11.03
C LEU B 110 5.99 -34.94 -10.42
N THR B 111 5.25 -35.94 -9.92
CA THR B 111 5.89 -37.15 -9.36
C THR B 111 5.08 -38.40 -9.70
N TRP B 112 5.77 -39.54 -9.78
CA TRP B 112 5.11 -40.82 -10.07
C TRP B 112 4.46 -41.35 -8.80
N VAL B 113 3.14 -41.33 -8.71
CA VAL B 113 2.43 -41.92 -7.58
C VAL B 113 2.22 -43.41 -7.96
N GLY B 114 3.29 -44.18 -7.80
CA GLY B 114 3.28 -45.60 -8.12
C GLY B 114 3.68 -45.87 -9.55
N GLU B 115 2.87 -46.66 -10.25
CA GLU B 115 3.14 -47.01 -11.65
C GLU B 115 2.07 -46.47 -12.62
N ARG B 116 0.88 -46.11 -12.10
CA ARG B 116 -0.24 -45.59 -12.89
C ARG B 116 -0.48 -44.09 -12.63
N GLY B 117 -0.45 -43.69 -11.36
CA GLY B 117 -0.70 -42.31 -10.92
C GLY B 117 0.40 -41.30 -11.13
N ILE B 118 0.01 -40.02 -11.31
CA ILE B 118 0.92 -38.89 -11.53
C ILE B 118 0.44 -37.67 -10.74
N LEU B 119 1.24 -37.21 -9.78
CA LEU B 119 0.86 -36.06 -8.97
C LEU B 119 1.42 -34.79 -9.60
N VAL B 120 0.59 -33.74 -9.74
CA VAL B 120 1.02 -32.52 -10.43
C VAL B 120 0.86 -31.23 -9.61
N ALA B 121 1.95 -30.45 -9.61
CA ALA B 121 2.07 -29.13 -9.01
C ALA B 121 1.67 -28.10 -10.08
N SER B 122 0.49 -27.50 -9.93
CA SER B 122 -0.04 -26.55 -10.90
C SER B 122 0.12 -25.04 -10.57
N ASP B 123 0.38 -24.22 -11.61
CA ASP B 123 0.46 -22.76 -11.50
C ASP B 123 -0.82 -22.19 -10.95
N SER B 124 -1.96 -22.83 -11.22
CA SER B 124 -3.27 -22.39 -10.74
C SER B 124 -3.41 -22.45 -9.22
N GLY B 125 -2.47 -23.09 -8.53
CA GLY B 125 -2.53 -23.27 -7.09
C GLY B 125 -3.14 -24.59 -6.67
N ALA B 126 -3.13 -25.57 -7.59
CA ALA B 126 -3.73 -26.85 -7.32
C ALA B 126 -2.75 -28.00 -7.36
N VAL B 127 -3.06 -29.01 -6.56
CA VAL B 127 -2.38 -30.29 -6.55
C VAL B 127 -3.35 -31.20 -7.33
N GLU B 128 -2.84 -31.90 -8.34
CA GLU B 128 -3.67 -32.74 -9.16
C GLU B 128 -3.19 -34.17 -9.23
N LEU B 129 -4.13 -35.11 -9.28
CA LEU B 129 -3.77 -36.52 -9.45
C LEU B 129 -4.34 -36.96 -10.76
N TRP B 130 -3.46 -37.46 -11.62
CA TRP B 130 -3.82 -37.93 -12.96
C TRP B 130 -3.37 -39.38 -13.09
N GLU B 131 -4.33 -40.32 -13.24
CA GLU B 131 -3.99 -41.74 -13.35
C GLU B 131 -4.13 -42.29 -14.76
N LEU B 132 -3.21 -43.17 -15.14
CA LEU B 132 -3.26 -43.86 -16.43
C LEU B 132 -4.50 -44.77 -16.43
N ASP B 133 -5.13 -44.94 -17.60
CA ASP B 133 -6.27 -45.86 -17.71
C ASP B 133 -5.77 -47.32 -17.74
N GLU B 134 -6.68 -48.30 -17.51
CA GLU B 134 -6.37 -49.73 -17.52
C GLU B 134 -5.53 -50.18 -18.75
N ASN B 135 -5.72 -49.52 -19.91
CA ASN B 135 -4.98 -49.85 -21.13
C ASN B 135 -3.65 -49.10 -21.28
N GLU B 136 -3.51 -47.95 -20.59
CA GLU B 136 -2.33 -47.07 -20.62
C GLU B 136 -2.22 -46.31 -21.93
N THR B 137 -3.37 -45.85 -22.42
CA THR B 137 -3.47 -45.05 -23.66
C THR B 137 -4.26 -43.73 -23.42
N LEU B 138 -4.52 -43.39 -22.15
CA LEU B 138 -5.24 -42.21 -21.66
C LEU B 138 -4.66 -41.79 -20.27
N ILE B 139 -4.91 -40.54 -19.87
CA ILE B 139 -4.49 -39.99 -18.58
C ILE B 139 -5.72 -39.25 -18.05
N VAL B 140 -6.31 -39.70 -16.93
CA VAL B 140 -7.57 -39.12 -16.44
C VAL B 140 -7.45 -38.48 -15.05
N SER B 141 -8.18 -37.38 -14.83
CA SER B 141 -8.14 -36.67 -13.56
C SER B 141 -8.85 -37.41 -12.45
N LYS B 142 -8.19 -37.51 -11.29
CA LYS B 142 -8.73 -38.15 -10.09
C LYS B 142 -9.20 -37.01 -9.18
N PHE B 143 -8.31 -36.04 -8.92
CA PHE B 143 -8.65 -34.85 -8.14
C PHE B 143 -7.86 -33.65 -8.61
N CYS B 144 -8.44 -32.47 -8.43
CA CYS B 144 -7.82 -31.19 -8.73
C CYS B 144 -8.16 -30.34 -7.53
N LYS B 145 -7.30 -30.36 -6.51
CA LYS B 145 -7.58 -29.62 -5.28
C LYS B 145 -6.82 -28.29 -5.16
N TYR B 146 -7.59 -27.20 -5.11
CA TYR B 146 -7.03 -25.86 -5.00
C TYR B 146 -6.99 -25.43 -3.54
N GLU B 147 -5.95 -25.86 -2.83
CA GLU B 147 -5.82 -25.50 -1.42
C GLU B 147 -4.72 -24.44 -1.16
N HIS B 148 -3.80 -24.27 -2.13
CA HIS B 148 -2.70 -23.32 -2.09
C HIS B 148 -3.15 -22.00 -2.75
N ASP B 149 -2.70 -20.87 -2.18
CA ASP B 149 -3.06 -19.55 -2.69
C ASP B 149 -2.13 -19.00 -3.79
N ASP B 150 -1.21 -19.79 -4.31
CA ASP B 150 -0.32 -19.35 -5.39
C ASP B 150 0.29 -20.58 -6.12
N ILE B 151 1.07 -20.36 -7.19
CA ILE B 151 1.78 -21.39 -7.94
C ILE B 151 2.34 -22.51 -7.05
N VAL B 152 1.88 -23.76 -7.30
CA VAL B 152 2.42 -24.90 -6.60
C VAL B 152 3.66 -25.22 -7.41
N SER B 153 4.83 -25.21 -6.78
CA SER B 153 6.07 -25.38 -7.54
C SER B 153 6.85 -26.65 -7.24
N THR B 154 6.57 -27.31 -6.10
CA THR B 154 7.30 -28.53 -5.77
C THR B 154 6.42 -29.55 -5.14
N VAL B 155 6.69 -30.81 -5.51
CA VAL B 155 5.93 -31.96 -5.05
C VAL B 155 6.85 -33.17 -4.86
N SER B 156 6.46 -34.04 -3.91
CA SER B 156 7.21 -35.23 -3.54
C SER B 156 6.26 -36.20 -2.87
N VAL B 157 6.25 -37.45 -3.33
CA VAL B 157 5.38 -38.46 -2.73
C VAL B 157 6.17 -39.16 -1.57
N LEU B 158 5.51 -39.37 -0.42
CA LEU B 158 6.14 -40.00 0.74
C LEU B 158 6.34 -41.52 0.58
N SER B 159 7.20 -42.14 1.41
CA SER B 159 7.53 -43.57 1.39
C SER B 159 6.36 -44.56 1.15
N SER B 160 5.27 -44.44 1.91
CA SER B 160 4.11 -45.29 1.74
C SER B 160 3.37 -45.12 0.39
N GLY B 161 3.63 -44.04 -0.34
CA GLY B 161 2.93 -43.78 -1.59
C GLY B 161 1.47 -43.38 -1.41
N THR B 162 1.02 -43.24 -0.14
CA THR B 162 -0.36 -42.85 0.22
C THR B 162 -0.46 -41.37 0.67
N GLN B 163 0.71 -40.74 0.97
CA GLN B 163 0.87 -39.37 1.40
C GLN B 163 1.87 -38.64 0.47
N ALA B 164 1.76 -37.32 0.42
CA ALA B 164 2.66 -36.48 -0.38
C ALA B 164 2.81 -35.08 0.23
N VAL B 165 3.89 -34.37 -0.12
CA VAL B 165 4.10 -33.01 0.40
C VAL B 165 4.32 -31.97 -0.72
N SER B 166 3.49 -30.91 -0.74
CA SER B 166 3.60 -29.85 -1.73
C SER B 166 4.21 -28.58 -1.13
N GLY B 167 4.95 -27.83 -1.95
CA GLY B 167 5.58 -26.57 -1.56
C GLY B 167 5.23 -25.46 -2.53
N SER B 168 4.44 -24.47 -2.08
CA SER B 168 3.96 -23.39 -2.94
C SER B 168 4.68 -22.02 -2.78
N LYS B 169 4.42 -21.09 -3.71
CA LYS B 169 4.92 -19.72 -3.64
C LYS B 169 4.17 -18.90 -2.57
N ASP B 170 2.99 -19.41 -2.08
CA ASP B 170 2.18 -18.87 -0.98
C ASP B 170 2.85 -19.08 0.41
N ILE B 171 4.09 -19.64 0.42
CA ILE B 171 5.00 -19.89 1.54
C ILE B 171 4.61 -21.15 2.40
N CYS B 172 3.40 -21.67 2.20
CA CYS B 172 2.91 -22.85 2.89
C CYS B 172 3.48 -24.15 2.32
N ILE B 173 3.44 -25.19 3.15
CA ILE B 173 3.84 -26.56 2.86
C ILE B 173 2.65 -27.41 3.33
N LYS B 174 2.07 -28.23 2.46
CA LYS B 174 0.93 -29.06 2.86
C LYS B 174 1.19 -30.55 2.73
N VAL B 175 0.67 -31.34 3.68
CA VAL B 175 0.78 -32.79 3.65
C VAL B 175 -0.57 -33.33 3.18
N TRP B 176 -0.58 -34.19 2.16
CA TRP B 176 -1.81 -34.69 1.57
C TRP B 176 -2.09 -36.17 1.79
N ASP B 177 -3.37 -36.54 1.86
CA ASP B 177 -3.78 -37.95 1.88
C ASP B 177 -4.26 -38.20 0.44
N LEU B 178 -3.45 -38.92 -0.37
CA LEU B 178 -3.77 -39.16 -1.78
C LEU B 178 -5.06 -39.92 -1.99
N ALA B 179 -5.40 -40.83 -1.07
CA ALA B 179 -6.64 -41.60 -1.15
C ALA B 179 -7.85 -40.77 -0.63
N GLN B 180 -7.73 -40.12 0.54
CA GLN B 180 -8.82 -39.30 1.09
C GLN B 180 -9.05 -37.99 0.32
N GLN B 181 -8.06 -37.55 -0.47
CA GLN B 181 -8.06 -36.35 -1.30
C GLN B 181 -8.26 -35.07 -0.48
N VAL B 182 -7.55 -34.98 0.66
CA VAL B 182 -7.63 -33.84 1.55
C VAL B 182 -6.22 -33.43 2.05
N VAL B 183 -6.10 -32.23 2.61
CA VAL B 183 -4.86 -31.77 3.19
C VAL B 183 -4.86 -32.23 4.65
N LEU B 184 -3.94 -33.11 5.02
CA LEU B 184 -3.84 -33.60 6.40
C LEU B 184 -3.34 -32.49 7.33
N SER B 185 -2.26 -31.79 6.92
CA SER B 185 -1.70 -30.72 7.73
C SER B 185 -1.23 -29.54 6.86
N SER B 186 -1.44 -28.30 7.33
CA SER B 186 -0.97 -27.09 6.63
C SER B 186 0.11 -26.35 7.44
N TYR B 187 1.31 -26.23 6.88
CA TYR B 187 2.49 -25.64 7.54
C TYR B 187 3.05 -24.31 6.96
N ARG B 188 2.91 -23.22 7.71
CA ARG B 188 3.49 -21.94 7.34
C ARG B 188 4.77 -21.75 8.17
N ALA B 189 5.79 -22.54 7.91
CA ALA B 189 7.05 -22.48 8.65
C ALA B 189 8.10 -21.55 8.02
N HIS B 190 7.95 -21.28 6.74
CA HIS B 190 8.87 -20.46 5.98
C HIS B 190 8.48 -18.95 5.95
N ALA B 191 9.40 -18.11 5.49
CA ALA B 191 9.16 -16.68 5.39
C ALA B 191 9.03 -16.22 3.93
N ALA B 192 9.57 -17.00 2.99
CA ALA B 192 9.53 -16.72 1.55
C ALA B 192 9.07 -18.02 0.76
N GLN B 193 9.00 -17.97 -0.59
CA GLN B 193 8.61 -19.06 -1.48
C GLN B 193 9.26 -20.36 -1.14
N VAL B 194 8.48 -21.45 -1.20
CA VAL B 194 9.07 -22.78 -0.99
C VAL B 194 9.65 -23.24 -2.31
N THR B 195 10.97 -23.34 -2.39
CA THR B 195 11.64 -23.73 -3.60
C THR B 195 11.55 -25.25 -3.85
N CYS B 196 11.88 -26.05 -2.83
CA CYS B 196 11.95 -27.49 -2.99
C CYS B 196 11.52 -28.30 -1.74
N VAL B 197 10.76 -29.37 -1.96
CA VAL B 197 10.32 -30.28 -0.90
C VAL B 197 10.68 -31.71 -1.32
N ALA B 198 11.55 -32.39 -0.57
CA ALA B 198 11.99 -33.74 -0.88
C ALA B 198 11.69 -34.72 0.28
N ALA B 199 10.71 -35.63 0.06
CA ALA B 199 10.30 -36.66 1.02
C ALA B 199 11.42 -37.65 1.27
N SER B 200 11.58 -38.13 2.53
CA SER B 200 12.60 -39.12 2.92
C SER B 200 12.44 -40.40 2.12
N PRO B 201 13.52 -41.06 1.73
CA PRO B 201 13.36 -42.33 0.98
C PRO B 201 12.54 -43.39 1.75
N HIS B 202 12.93 -43.68 3.00
CA HIS B 202 12.32 -44.76 3.76
C HIS B 202 11.43 -44.34 4.95
N LYS B 203 11.39 -43.04 5.32
CA LYS B 203 10.55 -42.62 6.46
C LYS B 203 9.39 -41.73 6.01
N ASP B 204 8.17 -42.21 6.23
CA ASP B 204 6.90 -41.57 5.82
C ASP B 204 6.52 -40.31 6.59
N SER B 205 7.33 -39.91 7.55
CA SER B 205 7.06 -38.70 8.32
C SER B 205 8.23 -37.71 8.30
N VAL B 206 9.31 -38.03 7.56
CA VAL B 206 10.50 -37.21 7.44
C VAL B 206 10.67 -36.69 6.00
N PHE B 207 11.10 -35.43 5.85
CA PHE B 207 11.35 -34.79 4.56
C PHE B 207 12.11 -33.48 4.72
N LEU B 208 12.80 -33.05 3.67
CA LEU B 208 13.55 -31.82 3.69
C LEU B 208 12.84 -30.78 2.86
N SER B 209 12.81 -29.54 3.32
CA SER B 209 12.28 -28.43 2.55
C SER B 209 13.32 -27.31 2.53
N CYS B 210 13.26 -26.47 1.50
CA CYS B 210 14.15 -25.32 1.40
C CYS B 210 13.41 -24.16 0.77
N SER B 211 13.87 -22.93 1.07
CA SER B 211 13.12 -21.76 0.68
C SER B 211 13.98 -20.55 0.41
N GLU B 212 13.38 -19.55 -0.25
CA GLU B 212 14.06 -18.29 -0.47
C GLU B 212 14.28 -17.51 0.85
N ASP B 213 13.81 -18.03 2.01
CA ASP B 213 14.10 -17.44 3.30
C ASP B 213 15.46 -17.93 3.85
N ASN B 214 16.27 -18.63 3.01
CA ASN B 214 17.60 -19.19 3.23
C ASN B 214 17.64 -20.38 4.22
N ARG B 215 16.47 -20.87 4.63
CA ARG B 215 16.40 -22.02 5.53
C ARG B 215 16.25 -23.36 4.80
N ILE B 216 16.79 -24.40 5.44
CA ILE B 216 16.62 -25.80 5.06
C ILE B 216 15.97 -26.45 6.29
N LEU B 217 14.70 -26.79 6.21
CA LEU B 217 13.99 -27.43 7.33
C LEU B 217 13.93 -28.97 7.20
N LEU B 218 14.44 -29.69 8.23
CA LEU B 218 14.35 -31.15 8.36
C LEU B 218 13.05 -31.35 9.10
N TRP B 219 12.10 -32.02 8.48
CA TRP B 219 10.80 -32.21 9.09
C TRP B 219 10.63 -33.61 9.61
N ASP B 220 9.85 -33.75 10.67
CA ASP B 220 9.55 -35.03 11.28
C ASP B 220 8.24 -34.77 11.99
N THR B 221 7.12 -35.11 11.35
CA THR B 221 5.78 -34.83 11.86
C THR B 221 5.43 -35.54 13.18
N ARG B 222 6.37 -36.32 13.74
CA ARG B 222 6.17 -36.97 15.02
C ARG B 222 6.31 -35.93 16.19
N CYS B 223 7.12 -34.86 15.99
CA CYS B 223 7.33 -33.79 16.97
C CYS B 223 6.21 -32.71 16.99
N PRO B 224 6.03 -32.02 18.14
CA PRO B 224 5.04 -30.92 18.20
C PRO B 224 5.49 -29.68 17.39
N LYS B 225 6.81 -29.54 17.19
CA LYS B 225 7.38 -28.51 16.36
C LYS B 225 8.18 -29.33 15.36
N PRO B 226 7.55 -29.65 14.21
CA PRO B 226 8.20 -30.56 13.25
C PRO B 226 9.45 -30.10 12.52
N ALA B 227 9.62 -28.80 12.31
CA ALA B 227 10.75 -28.31 11.52
C ALA B 227 12.04 -28.09 12.31
N SER B 228 13.19 -28.15 11.64
CA SER B 228 14.47 -27.94 12.29
C SER B 228 15.49 -27.46 11.26
N GLN B 229 16.09 -26.29 11.49
CA GLN B 229 17.05 -25.71 10.55
C GLN B 229 18.38 -26.45 10.49
N ILE B 230 18.77 -26.88 9.29
CA ILE B 230 20.07 -27.55 9.11
C ILE B 230 20.97 -26.59 8.38
N GLY B 231 21.84 -25.91 9.11
CA GLY B 231 22.74 -24.94 8.51
C GLY B 231 23.97 -25.50 7.83
N CYS B 232 25.15 -25.03 8.30
CA CYS B 232 26.45 -25.44 7.81
C CYS B 232 27.58 -24.83 8.65
N GLY B 236 24.98 -18.78 3.66
CA GLY B 236 25.51 -18.77 2.30
C GLY B 236 24.48 -18.34 1.28
N TYR B 237 24.52 -18.92 0.07
CA TYR B 237 23.55 -18.57 -0.98
C TYR B 237 22.23 -19.33 -0.79
N LEU B 238 21.18 -18.88 -1.46
CA LEU B 238 19.86 -19.49 -1.30
C LEU B 238 19.77 -20.94 -1.72
N PRO B 239 19.17 -21.80 -0.90
CA PRO B 239 18.99 -23.20 -1.31
C PRO B 239 17.97 -23.31 -2.45
N THR B 240 18.32 -24.04 -3.51
CA THR B 240 17.45 -24.18 -4.69
C THR B 240 17.02 -25.61 -5.00
N SER B 241 17.86 -26.61 -4.66
CA SER B 241 17.51 -28.01 -4.96
C SER B 241 17.94 -28.96 -3.86
N LEU B 242 17.08 -29.95 -3.54
CA LEU B 242 17.39 -30.95 -2.51
C LEU B 242 17.39 -32.38 -3.05
N ALA B 243 18.40 -33.17 -2.67
CA ALA B 243 18.44 -34.58 -3.05
C ALA B 243 18.82 -35.48 -1.86
N TRP B 244 17.89 -36.36 -1.43
CA TRP B 244 18.19 -37.31 -0.33
C TRP B 244 19.19 -38.37 -0.85
N HIS B 245 20.12 -38.86 0.00
CA HIS B 245 21.06 -39.91 -0.44
C HIS B 245 20.33 -41.27 -0.38
N PRO B 246 20.49 -42.18 -1.36
CA PRO B 246 19.72 -43.43 -1.34
C PRO B 246 20.16 -44.48 -0.31
N GLN B 247 21.45 -44.52 0.02
CA GLN B 247 21.98 -45.49 0.98
C GLN B 247 22.06 -44.95 2.42
N GLN B 248 22.66 -43.77 2.61
CA GLN B 248 22.71 -43.15 3.93
C GLN B 248 21.43 -42.37 4.13
N SER B 249 20.47 -42.92 4.89
CA SER B 249 19.18 -42.23 5.16
C SER B 249 19.35 -40.93 6.03
N GLU B 250 20.58 -40.66 6.51
CA GLU B 250 20.93 -39.46 7.28
C GLU B 250 21.78 -38.45 6.48
N VAL B 251 22.09 -38.75 5.22
CA VAL B 251 22.88 -37.89 4.36
C VAL B 251 22.01 -37.40 3.18
N PHE B 252 22.28 -36.18 2.72
CA PHE B 252 21.59 -35.56 1.60
C PHE B 252 22.48 -34.50 0.97
N VAL B 253 22.17 -34.09 -0.26
CA VAL B 253 22.89 -33.03 -0.94
C VAL B 253 21.94 -31.88 -1.29
N PHE B 254 22.48 -30.67 -1.42
CA PHE B 254 21.65 -29.52 -1.81
C PHE B 254 22.42 -28.57 -2.72
N GLY B 255 21.73 -27.93 -3.66
CA GLY B 255 22.37 -26.99 -4.56
C GLY B 255 21.93 -25.57 -4.32
N ASP B 256 22.85 -24.59 -4.40
CA ASP B 256 22.46 -23.19 -4.19
C ASP B 256 22.40 -22.40 -5.53
N GLU B 257 21.94 -21.14 -5.49
CA GLU B 257 21.82 -20.25 -6.68
C GLU B 257 23.14 -19.73 -7.22
N ASN B 258 24.25 -20.11 -6.62
CA ASN B 258 25.58 -19.74 -7.10
C ASN B 258 26.26 -20.91 -7.83
N GLY B 259 25.51 -21.99 -8.15
CA GLY B 259 26.02 -23.16 -8.84
C GLY B 259 26.78 -24.16 -7.97
N THR B 260 26.77 -23.97 -6.66
CA THR B 260 27.49 -24.83 -5.74
C THR B 260 26.62 -25.97 -5.19
N VAL B 261 27.18 -27.18 -5.14
CA VAL B 261 26.47 -28.33 -4.57
C VAL B 261 27.15 -28.72 -3.28
N SER B 262 26.38 -28.94 -2.21
CA SER B 262 26.95 -29.28 -0.91
C SER B 262 26.39 -30.60 -0.34
N LEU B 263 27.31 -31.40 0.21
CA LEU B 263 27.08 -32.70 0.84
C LEU B 263 26.85 -32.47 2.34
N VAL B 264 25.65 -32.77 2.79
CA VAL B 264 25.27 -32.53 4.17
C VAL B 264 24.76 -33.78 4.91
N ASP B 265 25.35 -34.04 6.10
CA ASP B 265 24.99 -35.10 7.04
C ASP B 265 24.05 -34.43 8.09
N THR B 266 22.88 -35.00 8.37
CA THR B 266 21.95 -34.42 9.33
C THR B 266 22.58 -34.33 10.73
N LYS B 267 23.19 -35.45 11.16
CA LYS B 267 23.86 -35.65 12.46
C LYS B 267 24.68 -34.41 12.89
N SER B 268 25.83 -34.12 12.25
CA SER B 268 26.61 -32.94 12.59
C SER B 268 26.53 -31.88 11.49
N THR B 269 26.11 -30.65 11.85
CA THR B 269 25.95 -29.57 10.88
C THR B 269 27.24 -28.76 10.72
N SER B 270 28.38 -29.47 10.65
CA SER B 270 29.73 -28.94 10.51
C SER B 270 30.59 -29.83 9.57
N CYS B 271 31.80 -29.36 9.17
CA CYS B 271 32.79 -30.05 8.33
C CYS B 271 32.37 -30.25 6.84
N VAL B 272 31.05 -30.12 6.56
CA VAL B 272 30.34 -30.26 5.30
C VAL B 272 31.21 -29.99 4.03
N LEU B 273 31.29 -31.00 3.12
CA LEU B 273 32.06 -30.94 1.88
C LEU B 273 31.21 -30.36 0.71
N SER B 274 31.80 -29.50 -0.12
CA SER B 274 31.06 -28.88 -1.24
C SER B 274 31.94 -28.56 -2.47
N SER B 275 31.30 -28.30 -3.64
CA SER B 275 32.00 -27.91 -4.87
C SER B 275 31.18 -27.01 -5.82
N ALA B 276 31.88 -26.19 -6.59
CA ALA B 276 31.25 -25.30 -7.56
C ALA B 276 31.06 -26.05 -8.87
N VAL B 277 29.89 -26.66 -9.04
CA VAL B 277 29.61 -27.46 -10.23
C VAL B 277 29.24 -26.56 -11.41
N HIS B 278 28.31 -25.65 -11.18
CA HIS B 278 27.77 -24.78 -12.21
C HIS B 278 28.14 -23.29 -12.02
N SER B 279 27.85 -22.47 -13.05
CA SER B 279 28.06 -21.02 -13.01
C SER B 279 26.75 -20.33 -12.58
N GLN B 280 25.59 -20.87 -13.00
CA GLN B 280 24.28 -20.37 -12.62
C GLN B 280 23.63 -21.35 -11.60
N CYS B 281 22.45 -20.98 -11.09
CA CYS B 281 21.63 -21.74 -10.15
C CYS B 281 21.58 -23.24 -10.45
N VAL B 282 21.50 -24.07 -9.39
CA VAL B 282 21.37 -25.52 -9.48
C VAL B 282 19.89 -25.86 -9.37
N THR B 283 19.22 -26.10 -10.50
CA THR B 283 17.77 -26.37 -10.51
C THR B 283 17.38 -27.80 -10.07
N GLY B 284 18.31 -28.75 -10.15
CA GLY B 284 18.01 -30.13 -9.77
C GLY B 284 19.17 -31.06 -9.54
N LEU B 285 18.96 -32.05 -8.68
CA LEU B 285 19.95 -33.06 -8.34
C LEU B 285 19.23 -34.41 -8.27
N VAL B 286 19.74 -35.43 -9.00
CA VAL B 286 19.15 -36.78 -8.99
C VAL B 286 20.26 -37.83 -8.87
N PHE B 287 20.09 -38.75 -7.93
CA PHE B 287 21.05 -39.83 -7.75
C PHE B 287 20.72 -41.01 -8.68
N SER B 288 21.76 -41.68 -9.20
CA SER B 288 21.69 -42.85 -10.09
C SER B 288 21.18 -44.10 -9.35
N PRO B 289 20.61 -45.10 -10.06
CA PRO B 289 20.08 -46.29 -9.35
C PRO B 289 21.14 -47.25 -8.81
N HIS B 290 22.43 -47.11 -9.24
CA HIS B 290 23.57 -47.91 -8.80
C HIS B 290 23.61 -48.09 -7.29
N SER B 291 24.20 -49.21 -6.82
CA SER B 291 24.36 -49.47 -5.38
C SER B 291 25.24 -48.36 -4.77
N VAL B 292 26.27 -47.89 -5.51
CA VAL B 292 27.08 -46.72 -5.14
C VAL B 292 26.67 -45.63 -6.16
N PRO B 293 25.69 -44.77 -5.79
CA PRO B 293 25.13 -43.84 -6.78
C PRO B 293 25.94 -42.61 -7.17
N PHE B 294 25.84 -42.29 -8.45
CA PHE B 294 26.41 -41.11 -9.09
C PHE B 294 25.37 -39.99 -8.96
N LEU B 295 25.82 -38.74 -8.83
CA LEU B 295 24.88 -37.62 -8.71
C LEU B 295 24.84 -36.79 -9.98
N ALA B 296 23.65 -36.65 -10.57
CA ALA B 296 23.52 -35.83 -11.76
C ALA B 296 22.88 -34.49 -11.37
N SER B 297 23.63 -33.39 -11.60
CA SER B 297 23.14 -32.04 -11.29
C SER B 297 22.85 -31.26 -12.57
N LEU B 298 21.64 -30.72 -12.67
CA LEU B 298 21.19 -29.91 -13.79
C LEU B 298 21.16 -28.43 -13.40
N SER B 299 21.22 -27.52 -14.38
CA SER B 299 21.32 -26.10 -14.07
C SER B 299 20.77 -25.12 -15.13
N GLU B 300 20.63 -23.84 -14.72
CA GLU B 300 20.27 -22.76 -15.59
C GLU B 300 21.46 -22.39 -16.52
N ASP B 301 22.71 -22.86 -16.22
CA ASP B 301 23.84 -22.60 -17.12
C ASP B 301 23.78 -23.50 -18.41
N CYS B 302 22.63 -24.21 -18.62
CA CYS B 302 22.34 -25.09 -19.76
C CYS B 302 23.27 -26.31 -19.86
N SER B 303 23.78 -26.74 -18.72
CA SER B 303 24.67 -27.87 -18.66
C SER B 303 24.16 -28.91 -17.66
N LEU B 304 24.71 -30.11 -17.75
CA LEU B 304 24.42 -31.26 -16.89
C LEU B 304 25.76 -31.86 -16.53
N ALA B 305 25.96 -32.15 -15.26
CA ALA B 305 27.19 -32.81 -14.81
C ALA B 305 26.84 -34.05 -14.02
N VAL B 306 27.70 -35.06 -14.08
CA VAL B 306 27.54 -36.25 -13.28
C VAL B 306 28.78 -36.32 -12.41
N LEU B 307 28.56 -36.39 -11.09
CA LEU B 307 29.62 -36.35 -10.11
C LEU B 307 29.68 -37.62 -9.27
N ASP B 308 30.87 -37.91 -8.73
CA ASP B 308 31.04 -39.06 -7.86
C ASP B 308 30.67 -38.70 -6.38
N SER B 309 30.94 -39.61 -5.42
CA SER B 309 30.64 -39.35 -4.02
C SER B 309 31.58 -38.30 -3.39
N SER B 310 32.75 -38.01 -4.03
CA SER B 310 33.64 -36.96 -3.54
C SER B 310 33.44 -35.60 -4.31
N LEU B 311 32.34 -35.49 -5.09
CA LEU B 311 31.91 -34.34 -5.90
C LEU B 311 32.78 -34.02 -7.12
N SER B 312 33.72 -34.90 -7.49
CA SER B 312 34.53 -34.69 -8.69
C SER B 312 33.69 -34.93 -9.94
N GLU B 313 33.99 -34.20 -11.03
CA GLU B 313 33.23 -34.28 -12.28
C GLU B 313 33.66 -35.42 -13.20
N LEU B 314 32.72 -36.30 -13.52
CA LEU B 314 32.97 -37.45 -14.38
C LEU B 314 32.36 -37.26 -15.78
N PHE B 315 31.29 -36.45 -15.88
CA PHE B 315 30.59 -36.16 -17.12
C PHE B 315 30.18 -34.69 -17.15
N ARG B 316 30.04 -34.15 -18.37
CA ARG B 316 29.60 -32.80 -18.61
C ARG B 316 28.98 -32.77 -19.98
N SER B 317 27.71 -32.39 -20.05
CA SER B 317 27.00 -32.33 -21.29
C SER B 317 26.43 -30.93 -21.57
N GLN B 318 26.83 -30.35 -22.71
CA GLN B 318 26.34 -29.04 -23.15
C GLN B 318 25.32 -29.16 -24.30
N ALA B 319 24.80 -30.36 -24.55
CA ALA B 319 23.81 -30.63 -25.60
C ALA B 319 22.60 -29.72 -25.54
N HIS B 320 22.31 -29.17 -24.36
CA HIS B 320 21.20 -28.29 -24.20
C HIS B 320 21.53 -26.83 -24.54
N ARG B 321 20.59 -26.17 -25.23
CA ARG B 321 20.69 -24.76 -25.64
C ARG B 321 19.80 -23.81 -24.79
N ASP B 322 18.94 -24.35 -23.93
CA ASP B 322 18.08 -23.59 -23.00
C ASP B 322 18.26 -24.21 -21.56
N PHE B 323 17.41 -23.86 -20.58
CA PHE B 323 17.56 -24.36 -19.21
C PHE B 323 17.33 -25.86 -19.12
N VAL B 324 18.14 -26.56 -18.29
CA VAL B 324 18.02 -28.01 -18.06
C VAL B 324 17.10 -28.20 -16.83
N ARG B 325 15.93 -28.84 -17.00
CA ARG B 325 14.93 -28.91 -15.96
C ARG B 325 14.80 -30.21 -15.18
N ASP B 326 15.09 -31.34 -15.83
CA ASP B 326 15.00 -32.64 -15.15
C ASP B 326 15.98 -33.68 -15.71
N ALA B 327 16.33 -34.65 -14.86
CA ALA B 327 17.18 -35.78 -15.21
C ALA B 327 16.56 -37.04 -14.59
N THR B 328 16.56 -38.14 -15.35
CA THR B 328 16.04 -39.43 -14.90
C THR B 328 16.94 -40.52 -15.40
N TRP B 329 17.42 -41.39 -14.49
CA TRP B 329 18.31 -42.49 -14.89
C TRP B 329 17.49 -43.68 -15.31
N SER B 330 17.97 -44.40 -16.33
CA SER B 330 17.30 -45.57 -16.89
C SER B 330 17.19 -46.74 -15.92
N PRO B 331 15.97 -47.28 -15.76
CA PRO B 331 15.79 -48.45 -14.89
C PRO B 331 16.44 -49.72 -15.48
N LEU B 332 16.54 -49.78 -16.83
CA LEU B 332 17.11 -50.84 -17.63
C LEU B 332 18.63 -50.67 -17.77
N ASN B 333 19.11 -49.57 -18.38
CA ASN B 333 20.55 -49.33 -18.47
C ASN B 333 20.92 -48.26 -17.45
N HIS B 334 21.69 -48.65 -16.44
CA HIS B 334 22.06 -47.73 -15.37
C HIS B 334 23.07 -46.65 -15.82
N SER B 335 23.76 -46.84 -16.96
CA SER B 335 24.64 -45.77 -17.46
C SER B 335 23.96 -44.85 -18.51
N LEU B 336 22.65 -45.02 -18.74
CA LEU B 336 21.84 -44.22 -19.65
C LEU B 336 21.05 -43.22 -18.78
N LEU B 337 21.25 -41.91 -19.01
CA LEU B 337 20.59 -40.86 -18.25
C LEU B 337 19.87 -39.89 -19.21
N THR B 338 18.59 -39.64 -18.99
CA THR B 338 17.81 -38.79 -19.88
C THR B 338 17.53 -37.39 -19.30
N THR B 339 17.77 -36.32 -20.09
CA THR B 339 17.54 -34.94 -19.63
C THR B 339 16.64 -34.14 -20.52
N VAL B 340 15.51 -33.67 -19.98
CA VAL B 340 14.64 -32.77 -20.72
C VAL B 340 15.03 -31.31 -20.44
N GLY B 341 14.77 -30.44 -21.41
CA GLY B 341 15.11 -29.03 -21.28
C GLY B 341 14.02 -28.10 -21.75
N TRP B 342 14.27 -26.80 -21.66
CA TRP B 342 13.29 -25.81 -22.08
C TRP B 342 13.27 -25.61 -23.63
N ASP B 343 14.33 -26.07 -24.33
CA ASP B 343 14.51 -26.07 -25.78
C ASP B 343 13.75 -27.23 -26.50
N HIS B 344 12.84 -27.91 -25.80
CA HIS B 344 12.03 -29.05 -26.26
C HIS B 344 12.85 -30.35 -26.51
N GLN B 345 14.17 -30.34 -26.26
CA GLN B 345 15.03 -31.52 -26.43
C GLN B 345 14.77 -32.58 -25.34
N VAL B 346 15.13 -33.86 -25.62
CA VAL B 346 14.99 -34.97 -24.68
C VAL B 346 16.39 -35.66 -24.38
N VAL B 347 17.43 -35.37 -25.20
CA VAL B 347 18.82 -35.85 -25.08
C VAL B 347 19.05 -37.07 -24.16
N HIS B 348 19.45 -38.21 -24.75
CA HIS B 348 19.75 -39.43 -24.01
C HIS B 348 21.28 -39.59 -23.90
N HIS B 349 21.80 -39.46 -22.67
CA HIS B 349 23.22 -39.47 -22.35
C HIS B 349 23.77 -40.83 -21.95
N VAL B 350 25.01 -41.09 -22.36
CA VAL B 350 25.72 -42.30 -22.01
C VAL B 350 26.86 -41.93 -21.08
N VAL B 351 26.60 -42.07 -19.78
CA VAL B 351 27.53 -41.70 -18.73
C VAL B 351 28.74 -42.62 -18.70
N PRO B 352 29.96 -42.06 -18.82
CA PRO B 352 31.15 -42.92 -18.83
C PRO B 352 31.53 -43.53 -17.48
N THR B 353 31.13 -44.80 -17.27
CA THR B 353 31.41 -45.56 -16.03
C THR B 353 32.49 -46.65 -16.26
C5 ZR1 C . -11.72 44.02 6.30
C18 ZR1 C . -17.92 38.40 5.57
C6 ZR1 C . -12.55 43.07 5.81
C3 ZR1 C . -14.48 47.00 6.39
C1 ZR1 C . -12.50 45.22 6.44
C14 ZR1 C . -16.02 37.05 6.28
C15 ZR1 C . -16.86 35.93 6.43
C17 ZR1 C . -18.78 37.30 5.66
C13 ZR1 C . -16.58 38.27 5.85
C16 ZR1 C . -18.18 36.08 6.09
C4 ZR1 C . -12.28 46.55 6.82
C2 ZR1 C . -13.81 44.91 6.04
C21 ZR1 C . -16.33 34.62 6.99
C19 ZR1 C . -14.55 36.99 6.58
C9 ZR1 C . -15.14 41.56 6.13
C20 ZR1 C . -14.83 34.52 6.91
C8 ZR1 C . -14.95 42.76 5.20
C10 ZR1 C . -15.98 40.61 5.28
C12 ZR1 C . -14.66 42.06 3.87
C11 ZR1 C . -15.69 40.94 3.80
C7 ZR1 C . -10.97 47.04 7.37
C22 ZR1 C . -20.30 37.36 5.32
N2 ZR1 C . -13.27 47.45 6.78
N1 ZR1 C . -14.83 45.77 6.01
N3 ZR1 C . -13.83 43.59 5.64
N4 ZR1 C . -14.18 35.76 7.41
O3 ZR1 C . -14.75 42.94 2.75
O2 ZR1 C . -16.90 41.38 3.19
O1 ZR1 C . -15.64 39.26 5.66
F3 ZR1 C . -19.00 35.01 6.15
F1 ZR1 C . -20.69 36.24 4.64
F2 ZR1 C . -20.64 38.41 4.51
#